data_2ZWN
#
_entry.id   2ZWN
#
_cell.length_a   74.669
_cell.length_b   100.945
_cell.length_c   124.106
_cell.angle_alpha   90.00
_cell.angle_beta   90.00
_cell.angle_gamma   90.00
#
_symmetry.space_group_name_H-M   'P 21 21 21'
#
loop_
_entity.id
_entity.type
_entity.pdbx_description
1 polymer 'two-domain type laccase'
2 non-polymer 'COPPER (II) ION'
3 non-polymer 'CU-O-CU LINKAGE'
4 non-polymer 'CHLORIDE ION'
5 water water
#
_entity_poly.entity_id   1
_entity_poly.type   'polypeptide(L)'
_entity_poly.pdbx_seq_one_letter_code
;MAEREFDMTIEEVTIKVAPGLDYKVFGFNGQVPGPLIHVQEGDDVIVNVTNNTSLPHTIHWHGVHQKGTWRSDGVPGVTQ
QPIEAGDSYTYKFKADRIGTLWYHCHVNVNEHVGVRGMWGPLIVDPKQPLPIEKRVTKDVIMMMSTWESAVADKYGEGGT
PMNVADYFSVNAKSFPLTQPLRVKKGDVVKIRFFGAGGGIHAMHSHGHDMLVTHKDGLPLDSPYYADTVLVSPGERYDVI
IEADNPGRFIFHDHVDTHVTAGGKHPGGPITVIEYDGVPVDDWYVWKDKDYDPNFFYSESLKQGYGMFDHDGFKGEFEQR
QRRPGRKLAAALEHHHHHH
;
_entity_poly.pdbx_strand_id   A,B,C
#
# COMPACT_ATOMS: atom_id res chain seq x y z
N ALA A 2 15.56 -29.84 -17.50
CA ALA A 2 16.92 -30.30 -17.13
C ALA A 2 17.05 -30.34 -15.61
N GLU A 3 17.85 -31.29 -15.11
CA GLU A 3 18.16 -31.35 -13.68
C GLU A 3 19.29 -30.37 -13.35
N ARG A 4 19.01 -29.46 -12.42
CA ARG A 4 19.95 -28.43 -12.03
C ARG A 4 20.17 -28.47 -10.52
N GLU A 5 21.38 -28.85 -10.12
CA GLU A 5 21.72 -29.02 -8.72
C GLU A 5 22.69 -27.94 -8.28
N PHE A 6 22.38 -27.33 -7.14
CA PHE A 6 23.17 -26.24 -6.59
C PHE A 6 23.49 -26.51 -5.12
N ASP A 7 24.67 -26.04 -4.70
CA ASP A 7 25.08 -26.13 -3.30
C ASP A 7 25.12 -24.71 -2.74
N MET A 8 24.40 -24.47 -1.65
CA MET A 8 24.41 -23.16 -1.02
C MET A 8 24.74 -23.29 0.46
N THR A 9 25.33 -22.23 1.02
CA THR A 9 25.57 -22.18 2.47
C THR A 9 24.87 -20.97 3.06
N ILE A 10 24.75 -20.96 4.38
CA ILE A 10 24.28 -19.81 5.13
C ILE A 10 25.43 -19.39 6.06
N GLU A 11 25.83 -18.13 5.97
CA GLU A 11 27.04 -17.65 6.66
C GLU A 11 26.75 -16.44 7.53
N GLU A 12 27.50 -16.32 8.62
CA GLU A 12 27.48 -15.11 9.44
C GLU A 12 28.53 -14.15 8.88
N VAL A 13 28.05 -13.06 8.29
CA VAL A 13 28.93 -12.01 7.77
C VAL A 13 28.39 -10.63 8.11
N THR A 14 29.25 -9.64 7.93
CA THR A 14 28.88 -8.24 8.12
C THR A 14 28.96 -7.50 6.78
N ILE A 15 27.90 -6.75 6.47
CA ILE A 15 27.83 -5.98 5.23
C ILE A 15 27.75 -4.49 5.53
N LYS A 16 28.23 -3.67 4.62
CA LYS A 16 28.12 -2.23 4.73
C LYS A 16 26.87 -1.79 3.98
N VAL A 17 25.85 -1.38 4.72
CA VAL A 17 24.57 -0.97 4.13
C VAL A 17 24.62 0.50 3.74
N ALA A 18 25.20 1.32 4.62
CA ALA A 18 25.31 2.74 4.37
C ALA A 18 26.62 3.23 4.98
N PRO A 19 27.05 4.44 4.59
CA PRO A 19 28.19 5.03 5.27
C PRO A 19 27.91 5.08 6.77
N GLY A 20 28.78 4.45 7.54
CA GLY A 20 28.62 4.40 8.99
C GLY A 20 27.61 3.38 9.52
N LEU A 21 27.09 2.53 8.64
CA LEU A 21 26.22 1.43 9.08
C LEU A 21 26.73 0.10 8.53
N ASP A 22 27.46 -0.63 9.37
CA ASP A 22 27.77 -2.04 9.13
C ASP A 22 26.70 -2.87 9.82
N TYR A 23 26.30 -3.96 9.18
CA TYR A 23 25.16 -4.74 9.66
C TYR A 23 25.48 -6.23 9.65
N LYS A 24 25.26 -6.89 10.79
CA LYS A 24 25.39 -8.34 10.89
C LYS A 24 24.22 -9.01 10.20
N VAL A 25 24.51 -9.90 9.26
CA VAL A 25 23.49 -10.60 8.50
C VAL A 25 23.76 -12.10 8.44
N PHE A 26 22.76 -12.85 7.99
CA PHE A 26 22.91 -14.26 7.70
C PHE A 26 22.83 -14.38 6.18
N GLY A 27 23.98 -14.31 5.52
CA GLY A 27 24.01 -14.24 4.07
C GLY A 27 24.09 -15.60 3.41
N PHE A 28 23.17 -15.86 2.49
CA PHE A 28 23.27 -17.04 1.64
C PHE A 28 24.55 -16.90 0.81
N ASN A 29 25.42 -17.91 0.88
CA ASN A 29 26.77 -17.82 0.29
C ASN A 29 27.52 -16.55 0.73
N GLY A 30 27.25 -16.09 1.96
CA GLY A 30 27.95 -14.94 2.52
C GLY A 30 27.72 -13.63 1.81
N GLN A 31 26.55 -13.48 1.18
CA GLN A 31 26.19 -12.24 0.50
C GLN A 31 24.72 -11.88 0.66
N VAL A 32 24.44 -10.59 0.57
CA VAL A 32 23.08 -10.03 0.54
C VAL A 32 23.02 -8.97 -0.57
N PRO A 33 22.10 -9.11 -1.54
CA PRO A 33 21.19 -10.22 -1.81
C PRO A 33 21.91 -11.56 -1.93
N GLY A 34 21.19 -12.65 -1.71
CA GLY A 34 21.72 -13.98 -1.96
C GLY A 34 22.00 -14.19 -3.43
N PRO A 35 22.67 -15.31 -3.77
CA PRO A 35 22.99 -15.61 -5.16
C PRO A 35 21.75 -15.65 -6.06
N LEU A 36 21.91 -15.21 -7.30
CA LEU A 36 20.89 -15.38 -8.32
C LEU A 36 20.78 -16.85 -8.70
N ILE A 37 19.55 -17.39 -8.61
CA ILE A 37 19.26 -18.70 -9.19
C ILE A 37 18.40 -18.46 -10.42
N HIS A 38 18.89 -18.91 -11.57
CA HIS A 38 18.24 -18.66 -12.85
C HIS A 38 18.07 -19.99 -13.55
N VAL A 39 16.82 -20.40 -13.77
CA VAL A 39 16.52 -21.70 -14.37
C VAL A 39 15.42 -21.54 -15.41
N GLN A 40 15.11 -22.63 -16.10
CA GLN A 40 14.08 -22.64 -17.13
C GLN A 40 12.82 -23.35 -16.62
N GLU A 41 11.67 -22.85 -17.05
CA GLU A 41 10.40 -23.51 -16.78
C GLU A 41 10.52 -25.01 -17.03
N GLY A 42 10.14 -25.80 -16.03
CA GLY A 42 10.13 -27.24 -16.14
C GLY A 42 11.39 -27.92 -15.61
N ASP A 43 12.42 -27.14 -15.30
CA ASP A 43 13.65 -27.71 -14.74
C ASP A 43 13.38 -28.35 -13.38
N ASP A 44 14.14 -29.41 -13.09
CA ASP A 44 14.13 -30.05 -11.78
C ASP A 44 15.27 -29.46 -10.96
N VAL A 45 14.94 -28.74 -9.89
CA VAL A 45 15.93 -28.02 -9.11
C VAL A 45 16.23 -28.76 -7.83
N ILE A 46 17.53 -28.88 -7.52
CA ILE A 46 17.99 -29.47 -6.28
C ILE A 46 18.91 -28.46 -5.61
N VAL A 47 18.60 -28.09 -4.37
CA VAL A 47 19.45 -27.18 -3.62
C VAL A 47 19.87 -27.83 -2.31
N ASN A 48 21.18 -28.05 -2.18
CA ASN A 48 21.75 -28.61 -0.96
C ASN A 48 22.22 -27.44 -0.11
N VAL A 49 21.61 -27.28 1.07
CA VAL A 49 21.87 -26.14 1.93
C VAL A 49 22.64 -26.58 3.18
N THR A 50 23.76 -25.92 3.45
CA THR A 50 24.51 -26.14 4.69
C THR A 50 24.46 -24.88 5.55
N ASN A 51 24.04 -25.05 6.80
CA ASN A 51 23.91 -23.96 7.74
C ASN A 51 25.22 -23.77 8.53
N ASN A 52 26.01 -22.79 8.12
CA ASN A 52 27.26 -22.45 8.83
C ASN A 52 27.11 -21.29 9.81
N THR A 53 25.92 -21.14 10.37
CA THR A 53 25.66 -20.10 11.37
C THR A 53 25.35 -20.76 12.71
N SER A 54 25.14 -19.92 13.72
CA SER A 54 24.86 -20.35 15.07
C SER A 54 23.37 -20.58 15.35
N LEU A 55 22.51 -20.30 14.36
CA LEU A 55 21.06 -20.32 14.55
C LEU A 55 20.37 -21.15 13.48
N PRO A 56 19.16 -21.67 13.79
CA PRO A 56 18.40 -22.44 12.82
C PRO A 56 17.80 -21.57 11.71
N HIS A 57 17.73 -22.14 10.51
CA HIS A 57 17.12 -21.48 9.36
C HIS A 57 16.38 -22.50 8.50
N THR A 58 15.64 -22.01 7.51
CA THR A 58 15.16 -22.83 6.40
C THR A 58 15.32 -22.01 5.12
N ILE A 59 14.97 -22.58 3.99
CA ILE A 59 14.71 -21.78 2.79
C ILE A 59 13.33 -22.08 2.26
N HIS A 60 12.49 -21.04 2.21
CA HIS A 60 11.23 -21.09 1.50
C HIS A 60 11.40 -20.48 0.10
N TRP A 61 10.80 -21.13 -0.88
CA TRP A 61 10.89 -20.74 -2.28
C TRP A 61 9.57 -20.09 -2.65
N HIS A 62 9.57 -18.76 -2.59
CA HIS A 62 8.35 -17.97 -2.66
C HIS A 62 7.90 -17.84 -4.11
N GLY A 63 6.72 -18.38 -4.38
CA GLY A 63 6.18 -18.43 -5.73
C GLY A 63 6.20 -19.84 -6.29
N VAL A 64 7.08 -20.70 -5.76
CA VAL A 64 7.16 -22.09 -6.21
C VAL A 64 5.98 -22.86 -5.64
N HIS A 65 5.21 -23.51 -6.50
CA HIS A 65 4.00 -24.21 -6.07
C HIS A 65 4.29 -25.41 -5.18
N GLN A 66 5.44 -26.05 -5.42
CA GLN A 66 5.80 -27.30 -4.76
C GLN A 66 4.74 -28.36 -5.06
N LYS A 67 4.41 -28.49 -6.35
CA LYS A 67 3.41 -29.45 -6.82
C LYS A 67 3.89 -30.86 -6.51
N GLY A 68 3.23 -31.49 -5.54
CA GLY A 68 3.62 -32.82 -5.06
C GLY A 68 4.92 -32.87 -4.28
N THR A 69 5.43 -31.72 -3.84
CA THR A 69 6.70 -31.64 -3.12
C THR A 69 6.61 -30.66 -1.95
N TRP A 70 5.44 -30.64 -1.29
CA TRP A 70 5.19 -29.70 -0.20
C TRP A 70 6.21 -29.78 0.93
N ARG A 71 6.84 -30.95 1.11
CA ARG A 71 7.85 -31.11 2.15
C ARG A 71 9.15 -30.35 1.86
N SER A 72 9.26 -29.74 0.68
CA SER A 72 10.36 -28.84 0.34
C SER A 72 9.96 -27.35 0.40
N ASP A 73 8.79 -27.05 0.97
CA ASP A 73 8.28 -25.68 0.99
C ASP A 73 9.08 -24.77 1.94
N GLY A 74 9.78 -25.38 2.90
CA GLY A 74 10.69 -24.65 3.78
C GLY A 74 10.08 -23.91 4.95
N VAL A 75 8.95 -24.39 5.46
CA VAL A 75 8.29 -23.74 6.59
C VAL A 75 8.44 -24.58 7.85
N PRO A 76 9.11 -24.03 8.88
CA PRO A 76 9.36 -24.81 10.10
C PRO A 76 8.09 -25.07 10.88
N GLY A 77 7.95 -26.29 11.40
CA GLY A 77 6.74 -26.69 12.13
C GLY A 77 5.53 -26.93 11.25
N VAL A 78 5.68 -26.78 9.93
CA VAL A 78 4.61 -27.05 8.99
C VAL A 78 5.03 -28.06 7.92
N THR A 79 6.16 -27.83 7.25
CA THR A 79 6.64 -28.73 6.20
C THR A 79 7.98 -29.40 6.54
N GLN A 80 8.70 -28.87 7.53
CA GLN A 80 9.94 -29.50 8.01
C GLN A 80 10.29 -29.00 9.39
N GLN A 81 11.25 -29.66 10.04
CA GLN A 81 11.90 -29.10 11.20
C GLN A 81 13.03 -28.19 10.70
N PRO A 82 13.38 -27.16 11.48
CA PRO A 82 14.42 -26.24 11.01
C PRO A 82 15.77 -26.92 10.74
N ILE A 83 16.60 -26.25 9.93
CA ILE A 83 17.96 -26.69 9.66
C ILE A 83 18.79 -26.13 10.80
N GLU A 84 19.17 -26.98 11.74
CA GLU A 84 19.89 -26.52 12.92
C GLU A 84 21.31 -26.09 12.56
N ALA A 85 21.93 -25.33 13.46
CA ALA A 85 23.31 -24.88 13.27
C ALA A 85 24.22 -26.06 12.91
N GLY A 86 24.97 -25.90 11.82
CA GLY A 86 25.94 -26.91 11.39
C GLY A 86 25.38 -28.04 10.55
N ASP A 87 24.06 -28.10 10.40
CA ASP A 87 23.40 -29.18 9.68
C ASP A 87 23.13 -28.83 8.23
N SER A 88 22.76 -29.84 7.45
CA SER A 88 22.44 -29.66 6.04
C SER A 88 21.04 -30.16 5.72
N TYR A 89 20.53 -29.75 4.56
CA TYR A 89 19.19 -30.11 4.15
C TYR A 89 19.09 -29.92 2.64
N THR A 90 18.39 -30.82 1.97
CA THR A 90 18.26 -30.75 0.52
C THR A 90 16.81 -30.48 0.11
N TYR A 91 16.64 -29.44 -0.71
CA TYR A 91 15.35 -29.08 -1.28
C TYR A 91 15.30 -29.58 -2.70
N LYS A 92 14.16 -30.14 -3.09
CA LYS A 92 13.94 -30.58 -4.47
C LYS A 92 12.56 -30.15 -4.92
N PHE A 93 12.50 -29.48 -6.07
CA PHE A 93 11.24 -29.03 -6.63
C PHE A 93 11.34 -28.82 -8.13
N LYS A 94 10.20 -28.90 -8.81
CA LYS A 94 10.13 -28.63 -10.23
C LYS A 94 9.76 -27.18 -10.41
N ALA A 95 10.48 -26.49 -11.30
CA ALA A 95 10.23 -25.08 -11.54
C ALA A 95 9.10 -24.93 -12.57
N ASP A 96 7.91 -25.37 -12.22
CA ASP A 96 6.78 -25.30 -13.15
C ASP A 96 6.02 -23.97 -13.07
N ARG A 97 6.34 -23.14 -12.07
CA ARG A 97 5.77 -21.80 -11.97
C ARG A 97 6.77 -20.81 -12.55
N ILE A 98 6.36 -20.06 -13.55
CA ILE A 98 7.25 -19.16 -14.25
C ILE A 98 7.40 -17.80 -13.58
N GLY A 99 8.47 -17.10 -13.94
CA GLY A 99 8.61 -15.68 -13.69
C GLY A 99 9.53 -15.29 -12.55
N THR A 100 9.35 -14.07 -12.08
CA THR A 100 10.13 -13.50 -11.00
C THR A 100 9.69 -14.06 -9.66
N LEU A 101 10.47 -15.03 -9.16
CA LEU A 101 10.26 -15.60 -7.84
C LEU A 101 11.39 -15.18 -6.92
N TRP A 102 11.32 -15.60 -5.67
CA TRP A 102 12.44 -15.37 -4.76
C TRP A 102 12.49 -16.42 -3.68
N TYR A 103 13.54 -16.37 -2.87
CA TYR A 103 13.70 -17.34 -1.80
C TYR A 103 14.14 -16.62 -0.55
N HIS A 104 13.70 -17.11 0.60
CA HIS A 104 14.08 -16.51 1.86
C HIS A 104 13.92 -17.47 3.00
N CYS A 105 14.58 -17.16 4.11
CA CYS A 105 14.43 -17.96 5.32
C CYS A 105 13.00 -17.83 5.81
N HIS A 106 12.50 -18.88 6.46
CA HIS A 106 11.16 -18.84 7.03
C HIS A 106 11.15 -19.16 8.53
N VAL A 107 12.33 -19.04 9.15
CA VAL A 107 12.45 -19.11 10.61
C VAL A 107 12.61 -17.68 11.16
N ASN A 108 11.95 -17.38 12.26
CA ASN A 108 12.09 -16.06 12.88
C ASN A 108 12.02 -14.94 11.84
N VAL A 109 11.01 -15.03 10.96
CA VAL A 109 10.93 -14.23 9.73
C VAL A 109 11.03 -12.72 9.96
N ASN A 110 10.35 -12.24 11.01
CA ASN A 110 10.38 -10.82 11.33
C ASN A 110 11.81 -10.27 11.42
N GLU A 111 12.72 -11.06 11.99
CA GLU A 111 14.12 -10.66 12.10
C GLU A 111 14.96 -11.11 10.91
N HIS A 112 14.89 -12.40 10.57
CA HIS A 112 15.78 -12.98 9.56
C HIS A 112 15.57 -12.39 8.16
N VAL A 113 14.30 -12.24 7.78
CA VAL A 113 13.96 -11.61 6.51
C VAL A 113 13.92 -10.08 6.66
N GLY A 114 13.39 -9.60 7.78
CA GLY A 114 13.28 -8.16 8.03
C GLY A 114 14.59 -7.40 8.08
N VAL A 115 15.58 -7.94 8.80
CA VAL A 115 16.86 -7.22 8.99
C VAL A 115 18.15 -8.04 8.81
N ARG A 116 18.09 -9.35 8.55
CA ARG A 116 19.33 -10.15 8.40
C ARG A 116 19.64 -10.60 6.98
N GLY A 117 18.92 -10.04 6.00
CA GLY A 117 19.28 -10.21 4.59
C GLY A 117 19.14 -11.61 4.05
N MET A 118 18.26 -12.41 4.66
CA MET A 118 18.09 -13.81 4.26
C MET A 118 17.14 -13.96 3.09
N TRP A 119 17.57 -13.48 1.94
CA TRP A 119 16.74 -13.51 0.73
C TRP A 119 17.57 -13.34 -0.53
N GLY A 120 17.03 -13.86 -1.63
CA GLY A 120 17.66 -13.72 -2.94
C GLY A 120 16.66 -14.00 -4.03
N PRO A 121 17.04 -13.73 -5.30
CA PRO A 121 16.13 -13.86 -6.42
C PRO A 121 16.18 -15.23 -7.10
N LEU A 122 15.00 -15.73 -7.50
CA LEU A 122 14.86 -16.97 -8.24
C LEU A 122 14.09 -16.65 -9.52
N ILE A 123 14.80 -16.66 -10.65
CA ILE A 123 14.20 -16.32 -11.95
C ILE A 123 13.95 -17.59 -12.76
N VAL A 124 12.69 -17.82 -13.10
CA VAL A 124 12.29 -18.98 -13.91
C VAL A 124 11.86 -18.47 -15.28
N ASP A 125 12.67 -18.76 -16.30
CA ASP A 125 12.36 -18.33 -17.67
C ASP A 125 11.19 -19.11 -18.25
N PRO A 126 10.13 -18.41 -18.68
CA PRO A 126 9.03 -19.14 -19.33
C PRO A 126 9.50 -19.73 -20.66
N LYS A 127 8.94 -20.88 -21.04
CA LYS A 127 9.22 -21.46 -22.36
C LYS A 127 8.64 -20.58 -23.48
N GLN A 128 7.57 -19.85 -23.15
CA GLN A 128 6.98 -18.89 -24.08
C GLN A 128 6.86 -17.51 -23.42
N PRO A 129 7.93 -16.69 -23.53
CA PRO A 129 7.89 -15.35 -22.96
C PRO A 129 6.99 -14.41 -23.75
N LEU A 130 6.61 -13.29 -23.15
CA LEU A 130 5.82 -12.29 -23.87
C LEU A 130 6.65 -11.71 -25.01
N PRO A 131 5.99 -11.35 -26.12
CA PRO A 131 6.68 -10.68 -27.23
C PRO A 131 7.58 -9.52 -26.77
N ILE A 132 7.11 -8.71 -25.82
CA ILE A 132 7.91 -7.58 -25.33
C ILE A 132 9.18 -8.02 -24.61
N GLU A 133 9.11 -9.14 -23.90
CA GLU A 133 10.29 -9.68 -23.21
C GLU A 133 11.39 -10.09 -24.19
N LYS A 134 11.01 -10.48 -25.41
CA LYS A 134 11.98 -10.84 -26.44
C LYS A 134 12.75 -9.62 -27.01
N ARG A 135 12.27 -8.42 -26.71
CA ARG A 135 12.94 -7.18 -27.13
C ARG A 135 13.91 -6.66 -26.06
N VAL A 136 13.85 -7.24 -24.86
CA VAL A 136 14.65 -6.76 -23.74
C VAL A 136 16.15 -6.90 -23.99
N THR A 137 16.89 -5.84 -23.72
CA THR A 137 18.34 -5.80 -23.87
C THR A 137 19.07 -5.74 -22.52
N LYS A 138 18.34 -5.49 -21.45
CA LYS A 138 18.91 -5.39 -20.12
C LYS A 138 17.88 -5.79 -19.08
N ASP A 139 18.27 -6.69 -18.19
CA ASP A 139 17.39 -7.25 -17.16
C ASP A 139 17.98 -6.78 -15.82
N VAL A 140 17.11 -6.31 -14.93
CA VAL A 140 17.51 -5.57 -13.74
C VAL A 140 16.71 -6.08 -12.54
N ILE A 141 17.41 -6.47 -11.48
CA ILE A 141 16.79 -6.92 -10.25
C ILE A 141 16.96 -5.85 -9.17
N MET A 142 15.85 -5.43 -8.57
CA MET A 142 15.86 -4.45 -7.47
C MET A 142 15.09 -4.99 -6.26
N MET A 143 15.83 -5.39 -5.23
CA MET A 143 15.24 -5.96 -4.03
C MET A 143 15.29 -4.95 -2.91
N MET A 144 14.13 -4.44 -2.52
CA MET A 144 14.05 -3.37 -1.52
C MET A 144 13.89 -3.96 -0.12
N SER A 145 14.53 -3.31 0.85
CA SER A 145 14.39 -3.70 2.25
C SER A 145 14.68 -2.52 3.16
N THR A 146 14.51 -2.74 4.46
CA THR A 146 14.74 -1.73 5.47
C THR A 146 15.61 -2.31 6.59
N TRP A 147 16.20 -1.43 7.38
CA TRP A 147 17.17 -1.83 8.40
C TRP A 147 16.95 -1.03 9.66
N GLU A 148 17.19 -1.68 10.80
CA GLU A 148 17.03 -1.07 12.12
C GLU A 148 18.41 -0.96 12.75
N SER A 149 18.96 0.25 12.80
CA SER A 149 20.36 0.44 13.23
C SER A 149 20.61 -0.02 14.68
N ALA A 150 19.59 0.03 15.53
CA ALA A 150 19.73 -0.34 16.93
C ALA A 150 20.13 -1.81 17.13
N VAL A 151 19.80 -2.67 16.17
CA VAL A 151 20.11 -4.10 16.26
C VAL A 151 21.14 -4.55 15.21
N ALA A 152 21.90 -3.60 14.66
CA ALA A 152 22.91 -3.92 13.63
C ALA A 152 23.95 -4.94 14.10
N ASP A 153 24.30 -4.88 15.38
CA ASP A 153 25.39 -5.70 15.93
C ASP A 153 24.87 -6.82 16.85
N LYS A 154 23.62 -7.22 16.67
CA LYS A 154 22.94 -8.10 17.63
C LYS A 154 22.01 -9.12 16.98
N TYR A 155 22.54 -10.28 16.58
CA TYR A 155 21.68 -11.36 16.14
C TYR A 155 20.72 -11.72 17.28
N GLY A 156 19.48 -12.05 16.94
CA GLY A 156 18.47 -12.44 17.92
C GLY A 156 17.53 -11.34 18.38
N GLU A 157 17.71 -10.13 17.84
CA GLU A 157 16.82 -8.99 18.12
C GLU A 157 16.41 -8.31 16.83
N GLY A 158 15.32 -7.55 16.89
CA GLY A 158 14.86 -6.73 15.77
C GLY A 158 13.64 -7.27 15.05
N GLY A 159 13.10 -6.45 14.16
CA GLY A 159 11.96 -6.83 13.32
C GLY A 159 10.62 -6.80 14.04
N THR A 160 10.50 -5.96 15.06
CA THR A 160 9.23 -5.82 15.78
C THR A 160 8.66 -4.41 15.61
N PRO A 161 7.36 -4.24 15.89
CA PRO A 161 6.76 -2.90 15.87
C PRO A 161 7.44 -1.88 16.80
N MET A 162 8.15 -2.35 17.82
CA MET A 162 8.84 -1.48 18.77
C MET A 162 10.23 -1.01 18.30
N ASN A 163 10.76 -1.63 17.26
CA ASN A 163 12.01 -1.17 16.64
C ASN A 163 11.72 -0.06 15.65
N VAL A 164 12.76 0.71 15.31
CA VAL A 164 12.65 1.79 14.34
C VAL A 164 13.50 1.47 13.12
N ALA A 165 12.86 1.35 11.95
CA ALA A 165 13.58 1.18 10.70
C ALA A 165 14.03 2.55 10.23
N ASP A 166 15.35 2.78 10.23
CA ASP A 166 15.92 4.09 9.97
C ASP A 166 16.91 4.14 8.81
N TYR A 167 17.11 3.00 8.14
CA TYR A 167 17.86 2.95 6.89
C TYR A 167 17.08 2.10 5.89
N PHE A 168 17.32 2.37 4.61
CA PHE A 168 16.51 1.83 3.52
C PHE A 168 17.42 1.57 2.33
N SER A 169 17.13 0.54 1.55
CA SER A 169 18.07 0.12 0.52
C SER A 169 17.43 -0.53 -0.68
N VAL A 170 18.18 -0.51 -1.77
CA VAL A 170 17.98 -1.42 -2.89
C VAL A 170 19.22 -2.33 -2.96
N ASN A 171 18.98 -3.63 -3.05
CA ASN A 171 20.03 -4.64 -3.06
C ASN A 171 21.05 -4.42 -1.93
N ALA A 172 20.50 -4.12 -0.76
CA ALA A 172 21.23 -4.03 0.50
C ALA A 172 22.23 -2.86 0.59
N LYS A 173 22.07 -1.86 -0.29
CA LYS A 173 22.86 -0.63 -0.15
C LYS A 173 21.98 0.62 -0.15
N SER A 174 22.41 1.61 0.63
CA SER A 174 21.73 2.91 0.74
C SER A 174 22.54 3.96 0.00
N PHE A 175 21.88 4.81 -0.79
CA PHE A 175 22.54 5.89 -1.49
C PHE A 175 23.41 6.69 -0.51
N PRO A 176 24.66 7.04 -0.89
CA PRO A 176 25.31 6.95 -2.19
C PRO A 176 26.02 5.65 -2.54
N LEU A 177 25.93 4.64 -1.69
CA LEU A 177 26.62 3.36 -1.91
C LEU A 177 25.91 2.42 -2.91
N THR A 178 24.73 2.83 -3.38
CA THR A 178 24.07 2.16 -4.48
C THR A 178 24.88 2.44 -5.77
N GLN A 179 24.41 1.90 -6.89
CA GLN A 179 25.09 2.05 -8.16
C GLN A 179 24.12 2.55 -9.24
N PRO A 180 24.63 3.26 -10.24
CA PRO A 180 23.77 3.70 -11.34
C PRO A 180 23.31 2.56 -12.24
N LEU A 181 22.17 2.79 -12.87
CA LEU A 181 21.62 1.91 -13.89
C LEU A 181 22.03 2.50 -15.24
N ARG A 182 23.08 1.95 -15.83
CA ARG A 182 23.63 2.52 -17.06
C ARG A 182 23.01 1.90 -18.30
N VAL A 183 22.49 2.76 -19.16
CA VAL A 183 21.82 2.35 -20.39
C VAL A 183 22.36 3.17 -21.56
N LYS A 184 21.95 2.79 -22.76
CA LYS A 184 22.18 3.63 -23.93
C LYS A 184 20.87 3.75 -24.68
N LYS A 185 20.75 4.80 -25.47
CA LYS A 185 19.53 5.05 -26.24
C LYS A 185 19.17 3.83 -27.08
N GLY A 186 17.91 3.42 -26.99
CA GLY A 186 17.46 2.24 -27.70
C GLY A 186 17.36 0.98 -26.85
N ASP A 187 17.99 0.99 -25.67
CA ASP A 187 17.84 -0.13 -24.73
C ASP A 187 16.37 -0.36 -24.39
N VAL A 188 16.01 -1.62 -24.17
CA VAL A 188 14.70 -1.99 -23.63
C VAL A 188 15.00 -2.69 -22.32
N VAL A 189 14.63 -2.03 -21.21
CA VAL A 189 15.04 -2.46 -19.88
C VAL A 189 13.88 -3.14 -19.14
N LYS A 190 14.11 -4.39 -18.70
CA LYS A 190 13.17 -5.09 -17.83
C LYS A 190 13.64 -4.89 -16.40
N ILE A 191 12.78 -4.32 -15.57
CA ILE A 191 13.09 -4.16 -14.15
C ILE A 191 12.15 -5.01 -13.33
N ARG A 192 12.73 -5.79 -12.42
CA ARG A 192 11.99 -6.67 -11.54
C ARG A 192 12.14 -6.13 -10.11
N PHE A 193 11.04 -5.63 -9.56
CA PHE A 193 10.99 -5.09 -8.20
C PHE A 193 10.57 -6.18 -7.23
N PHE A 194 11.24 -6.26 -6.08
CA PHE A 194 10.90 -7.21 -5.02
C PHE A 194 10.68 -6.48 -3.69
N GLY A 195 9.58 -6.78 -3.01
CA GLY A 195 9.39 -6.35 -1.63
C GLY A 195 10.05 -7.37 -0.70
N ALA A 196 11.37 -7.28 -0.57
CA ALA A 196 12.13 -8.29 0.14
C ALA A 196 12.00 -8.15 1.66
N GLY A 197 12.08 -6.93 2.17
CA GLY A 197 11.92 -6.65 3.59
C GLY A 197 10.50 -6.32 4.03
N GLY A 198 10.38 -5.63 5.16
CA GLY A 198 9.07 -5.39 5.79
C GLY A 198 8.43 -4.05 5.44
N GLY A 199 9.02 -3.30 4.52
CA GLY A 199 8.55 -1.96 4.17
C GLY A 199 7.72 -1.91 2.90
N ILE A 200 7.10 -0.75 2.66
CA ILE A 200 6.42 -0.47 1.41
C ILE A 200 7.24 0.59 0.68
N HIS A 201 7.41 0.42 -0.63
CA HIS A 201 8.32 1.26 -1.40
C HIS A 201 7.60 1.73 -2.66
N ALA A 202 7.60 3.03 -2.90
CA ALA A 202 6.91 3.61 -4.05
C ALA A 202 7.96 3.99 -5.09
N MET A 203 8.22 3.09 -6.02
CA MET A 203 9.37 3.23 -6.91
C MET A 203 9.02 4.11 -8.12
N HIS A 204 9.72 5.24 -8.21
CA HIS A 204 9.42 6.27 -9.21
C HIS A 204 10.60 6.47 -10.15
N SER A 205 10.33 6.33 -11.44
CA SER A 205 11.35 6.57 -12.48
C SER A 205 11.19 7.93 -13.12
N HIS A 206 12.18 8.81 -12.95
CA HIS A 206 12.17 10.09 -13.67
C HIS A 206 12.40 9.84 -15.15
N GLY A 207 11.88 10.74 -15.98
CA GLY A 207 12.13 10.75 -17.41
C GLY A 207 11.47 9.66 -18.25
N HIS A 208 10.77 8.74 -17.60
CA HIS A 208 10.22 7.56 -18.26
C HIS A 208 8.97 7.08 -17.55
N ASP A 209 8.05 6.51 -18.32
CA ASP A 209 6.99 5.68 -17.76
C ASP A 209 7.43 4.23 -17.78
N MET A 210 6.87 3.46 -16.85
CA MET A 210 7.10 2.03 -16.75
C MET A 210 5.85 1.33 -17.25
N LEU A 211 6.02 0.34 -18.12
CA LEU A 211 4.91 -0.53 -18.49
C LEU A 211 4.92 -1.71 -17.53
N VAL A 212 3.91 -1.79 -16.68
CA VAL A 212 3.80 -2.88 -15.70
C VAL A 212 3.24 -4.11 -16.43
N THR A 213 4.07 -5.13 -16.56
CA THR A 213 3.74 -6.32 -17.37
C THR A 213 3.44 -7.59 -16.59
N HIS A 214 4.02 -7.72 -15.39
CA HIS A 214 3.83 -8.91 -14.55
C HIS A 214 3.61 -8.53 -13.10
N LYS A 215 2.73 -9.29 -12.45
CA LYS A 215 2.52 -9.21 -11.01
C LYS A 215 2.88 -10.58 -10.43
N ASP A 216 3.78 -10.58 -9.44
CA ASP A 216 4.29 -11.80 -8.81
C ASP A 216 4.79 -12.81 -9.84
N GLY A 217 5.40 -12.33 -10.91
CA GLY A 217 5.98 -13.19 -11.94
C GLY A 217 5.05 -13.60 -13.07
N LEU A 218 3.74 -13.40 -12.91
CA LEU A 218 2.78 -13.83 -13.93
C LEU A 218 2.32 -12.66 -14.80
N PRO A 219 2.23 -12.88 -16.13
CA PRO A 219 1.92 -11.76 -17.03
C PRO A 219 0.48 -11.27 -16.90
N LEU A 220 0.31 -9.96 -16.80
CA LEU A 220 -1.01 -9.36 -16.74
C LEU A 220 -1.69 -9.42 -18.11
N ASP A 221 -2.96 -9.78 -18.13
CA ASP A 221 -3.75 -9.67 -19.38
C ASP A 221 -3.91 -8.21 -19.78
N SER A 222 -3.94 -7.30 -18.79
CA SER A 222 -4.09 -5.88 -19.05
C SER A 222 -2.94 -5.11 -18.40
N PRO A 223 -1.78 -5.07 -19.08
CA PRO A 223 -0.67 -4.27 -18.57
C PRO A 223 -1.04 -2.80 -18.55
N TYR A 224 -0.37 -2.02 -17.70
CA TYR A 224 -0.66 -0.61 -17.56
C TYR A 224 0.61 0.18 -17.30
N TYR A 225 0.59 1.44 -17.73
CA TYR A 225 1.68 2.36 -17.50
C TYR A 225 1.59 2.97 -16.11
N ALA A 226 2.76 3.18 -15.51
CA ALA A 226 2.87 3.88 -14.24
C ALA A 226 4.19 4.63 -14.23
N ASP A 227 4.24 5.75 -13.53
CA ASP A 227 5.53 6.38 -13.20
C ASP A 227 5.93 6.10 -11.76
N THR A 228 5.02 5.55 -10.95
CA THR A 228 5.29 5.18 -9.56
C THR A 228 4.62 3.83 -9.28
N VAL A 229 5.42 2.83 -8.90
CA VAL A 229 4.91 1.48 -8.63
C VAL A 229 5.10 1.15 -7.16
N LEU A 230 3.98 0.93 -6.46
CA LEU A 230 4.01 0.58 -5.04
C LEU A 230 4.33 -0.90 -4.87
N VAL A 231 5.41 -1.17 -4.14
CA VAL A 231 5.89 -2.54 -3.92
C VAL A 231 5.84 -2.81 -2.42
N SER A 232 5.08 -3.83 -2.02
CA SER A 232 4.89 -4.17 -0.61
C SER A 232 5.50 -5.56 -0.31
N PRO A 233 5.65 -5.90 0.98
CA PRO A 233 6.34 -7.14 1.34
C PRO A 233 5.79 -8.40 0.65
N GLY A 234 6.69 -9.14 0.02
CA GLY A 234 6.33 -10.40 -0.65
C GLY A 234 6.07 -10.23 -2.13
N GLU A 235 5.66 -9.04 -2.55
CA GLU A 235 5.26 -8.81 -3.94
C GLU A 235 6.43 -8.69 -4.89
N ARG A 236 6.18 -9.03 -6.15
CA ARG A 236 7.08 -8.64 -7.25
C ARG A 236 6.28 -7.99 -8.36
N TYR A 237 6.88 -7.00 -8.99
CA TYR A 237 6.36 -6.39 -10.22
C TYR A 237 7.46 -6.39 -11.25
N ASP A 238 7.15 -6.79 -12.48
CA ASP A 238 8.05 -6.62 -13.60
C ASP A 238 7.54 -5.46 -14.43
N VAL A 239 8.46 -4.61 -14.86
CA VAL A 239 8.11 -3.52 -15.75
C VAL A 239 9.08 -3.46 -16.92
N ILE A 240 8.69 -2.71 -17.95
CA ILE A 240 9.54 -2.40 -19.09
C ILE A 240 9.70 -0.89 -19.19
N ILE A 241 10.94 -0.43 -19.29
CA ILE A 241 11.24 0.94 -19.68
C ILE A 241 11.92 0.97 -21.03
N GLU A 242 11.37 1.77 -21.94
CA GLU A 242 12.01 2.04 -23.23
C GLU A 242 13.01 3.16 -22.98
N ALA A 243 14.30 2.88 -23.14
CA ALA A 243 15.33 3.89 -22.90
C ALA A 243 15.52 4.75 -24.15
N ASP A 244 14.57 5.66 -24.37
CA ASP A 244 14.54 6.47 -25.59
C ASP A 244 14.62 7.96 -25.27
N ASN A 245 15.14 8.29 -24.09
CA ASN A 245 15.15 9.67 -23.62
C ASN A 245 16.44 9.98 -22.86
N PRO A 246 17.52 10.22 -23.62
CA PRO A 246 18.83 10.42 -22.97
C PRO A 246 18.90 11.58 -21.97
N GLY A 247 19.44 11.26 -20.80
CA GLY A 247 19.65 12.22 -19.73
C GLY A 247 20.25 11.48 -18.55
N ARG A 248 20.31 12.15 -17.40
CA ARG A 248 20.57 11.50 -16.13
C ARG A 248 19.29 11.60 -15.30
N PHE A 249 18.62 10.47 -15.12
CA PHE A 249 17.28 10.46 -14.54
C PHE A 249 17.24 9.62 -13.27
N ILE A 250 17.01 10.31 -12.14
CA ILE A 250 16.98 9.65 -10.85
C ILE A 250 15.80 8.68 -10.77
N PHE A 251 15.95 7.64 -9.96
CA PHE A 251 15.02 6.51 -9.94
C PHE A 251 15.05 6.06 -8.48
N HIS A 252 13.95 6.25 -7.76
CA HIS A 252 14.00 6.12 -6.31
C HIS A 252 12.67 5.81 -5.65
N ASP A 253 12.76 5.36 -4.40
CA ASP A 253 11.61 5.21 -3.52
C ASP A 253 11.09 6.61 -3.21
N HIS A 254 9.79 6.83 -3.46
CA HIS A 254 9.17 8.13 -3.30
C HIS A 254 8.55 8.31 -1.91
N VAL A 255 8.62 7.28 -1.06
CA VAL A 255 8.17 7.43 0.32
C VAL A 255 9.17 8.35 1.02
N ASP A 256 8.68 9.52 1.43
CA ASP A 256 9.52 10.64 1.88
C ASP A 256 10.55 10.25 2.95
N THR A 257 10.12 9.50 3.96
CA THR A 257 11.02 9.08 5.05
C THR A 257 12.08 8.05 4.61
N HIS A 258 11.86 7.40 3.46
CA HIS A 258 12.77 6.38 2.97
C HIS A 258 13.99 6.94 2.24
N VAL A 259 13.98 8.23 1.87
CA VAL A 259 15.17 8.84 1.26
C VAL A 259 16.03 9.50 2.34
N THR A 260 16.17 8.80 3.46
CA THR A 260 17.01 9.22 4.55
C THR A 260 17.89 8.05 4.97
N ALA A 261 18.89 8.35 5.78
CA ALA A 261 19.78 7.34 6.33
C ALA A 261 20.14 7.80 7.73
N GLY A 262 19.62 7.10 8.74
CA GLY A 262 19.87 7.46 10.13
C GLY A 262 19.45 8.90 10.43
N GLY A 263 18.34 9.33 9.83
CA GLY A 263 17.80 10.67 10.05
C GLY A 263 18.37 11.76 9.15
N LYS A 264 19.39 11.42 8.36
CA LYS A 264 20.06 12.35 7.46
C LYS A 264 19.61 12.12 6.02
N HIS A 265 19.63 13.17 5.22
CA HIS A 265 19.30 13.10 3.79
C HIS A 265 20.51 13.64 3.00
N PRO A 266 20.79 13.03 1.83
CA PRO A 266 20.09 11.94 1.16
C PRO A 266 20.56 10.56 1.60
N GLY A 267 19.75 9.57 1.30
CA GLY A 267 20.06 8.19 1.57
C GLY A 267 18.94 7.36 0.98
N GLY A 268 19.03 6.04 1.11
CA GLY A 268 17.92 5.18 0.78
C GLY A 268 17.98 4.55 -0.59
N PRO A 269 16.84 4.01 -1.07
CA PRO A 269 16.82 3.30 -2.33
C PRO A 269 16.77 4.29 -3.49
N ILE A 270 17.96 4.77 -3.87
CA ILE A 270 18.11 5.72 -4.97
C ILE A 270 19.15 5.19 -5.94
N THR A 271 18.80 5.19 -7.22
CA THR A 271 19.77 5.03 -8.29
C THR A 271 19.54 6.14 -9.33
N VAL A 272 20.37 6.13 -10.37
CA VAL A 272 20.23 7.07 -11.49
C VAL A 272 20.29 6.26 -12.77
N ILE A 273 19.31 6.48 -13.64
CA ILE A 273 19.36 5.95 -15.01
C ILE A 273 20.30 6.88 -15.76
N GLU A 274 21.52 6.40 -16.00
CA GLU A 274 22.56 7.18 -16.67
C GLU A 274 22.67 6.74 -18.12
N TYR A 275 22.37 7.61 -19.07
CA TYR A 275 22.55 7.27 -20.47
C TYR A 275 24.01 7.51 -20.86
N ASP A 276 24.59 6.55 -21.58
CA ASP A 276 26.00 6.59 -21.98
C ASP A 276 26.38 7.87 -22.72
N GLY A 277 25.48 8.38 -23.55
CA GLY A 277 25.80 9.51 -24.44
C GLY A 277 25.82 10.89 -23.78
N VAL A 278 25.38 10.99 -22.54
CA VAL A 278 25.24 12.30 -21.89
C VAL A 278 26.56 12.74 -21.25
N PRO A 279 27.09 13.91 -21.67
CA PRO A 279 28.33 14.41 -21.05
C PRO A 279 28.18 14.61 -19.54
N VAL A 280 29.20 14.24 -18.79
CA VAL A 280 29.15 14.27 -17.32
C VAL A 280 29.64 15.62 -16.80
N ASP A 281 28.81 16.28 -15.99
CA ASP A 281 29.14 17.56 -15.40
C ASP A 281 30.01 17.38 -14.17
N ASP A 282 30.87 18.36 -13.88
CA ASP A 282 31.77 18.29 -12.72
C ASP A 282 31.05 18.18 -11.40
N TRP A 283 29.84 18.74 -11.33
CA TRP A 283 29.05 18.72 -10.10
C TRP A 283 28.15 17.48 -9.98
N TYR A 284 28.16 16.61 -10.98
CA TYR A 284 27.37 15.38 -10.90
C TYR A 284 27.82 14.52 -9.71
N VAL A 285 26.88 14.19 -8.84
CA VAL A 285 27.18 13.47 -7.59
C VAL A 285 27.95 12.16 -7.81
N TRP A 286 27.67 11.47 -8.92
CA TRP A 286 28.32 10.19 -9.20
C TRP A 286 29.35 10.25 -10.33
N LYS A 287 29.94 11.43 -10.51
CA LYS A 287 31.09 11.54 -11.42
C LYS A 287 32.23 10.69 -10.85
N ASP A 288 32.91 9.94 -11.72
CA ASP A 288 34.00 9.04 -11.29
C ASP A 288 33.58 7.96 -10.27
N LYS A 289 32.31 7.55 -10.33
CA LYS A 289 31.82 6.47 -9.48
C LYS A 289 32.64 5.19 -9.69
N ASP A 290 32.98 4.51 -8.60
CA ASP A 290 33.59 3.19 -8.65
C ASP A 290 32.50 2.19 -9.04
N TYR A 291 32.39 1.95 -10.34
CA TYR A 291 31.19 1.33 -10.93
C TYR A 291 31.16 -0.20 -10.85
N ASP A 292 29.98 -0.71 -10.49
CA ASP A 292 29.70 -2.14 -10.45
C ASP A 292 28.60 -2.45 -11.47
N PRO A 293 28.97 -2.99 -12.64
CA PRO A 293 27.97 -3.26 -13.67
C PRO A 293 26.97 -4.36 -13.31
N ASN A 294 27.25 -5.13 -12.26
CA ASN A 294 26.37 -6.24 -11.86
C ASN A 294 25.59 -5.98 -10.57
N PHE A 295 25.48 -4.70 -10.19
CA PHE A 295 24.79 -4.33 -8.96
C PHE A 295 23.30 -4.70 -8.99
N PHE A 296 22.72 -4.76 -10.18
CA PHE A 296 21.32 -5.20 -10.35
C PHE A 296 21.25 -6.59 -10.98
N TYR A 297 22.33 -7.37 -10.84
CA TYR A 297 22.46 -8.70 -11.46
C TYR A 297 22.33 -8.71 -13.00
N SER A 298 22.51 -7.58 -13.66
CA SER A 298 22.26 -7.52 -15.13
C SER A 298 23.26 -8.35 -15.93
N GLU A 299 24.49 -8.46 -15.43
CA GLU A 299 25.51 -9.24 -16.10
C GLU A 299 25.27 -10.73 -15.86
N SER A 300 25.01 -11.11 -14.61
CA SER A 300 24.68 -12.49 -14.26
C SER A 300 23.48 -13.02 -15.03
N LEU A 301 22.49 -12.16 -15.25
CA LEU A 301 21.27 -12.55 -15.97
C LEU A 301 21.51 -12.86 -17.45
N LYS A 302 22.68 -12.49 -17.97
CA LYS A 302 23.07 -12.79 -19.36
C LYS A 302 23.94 -14.04 -19.51
N GLN A 303 24.28 -14.69 -18.40
CA GLN A 303 25.29 -15.75 -18.40
C GLN A 303 24.72 -17.18 -18.39
N GLY A 304 23.44 -17.31 -18.74
CA GLY A 304 22.79 -18.60 -18.85
C GLY A 304 22.24 -19.12 -17.54
N TYR A 305 21.74 -20.36 -17.56
CA TYR A 305 21.10 -20.94 -16.38
C TYR A 305 22.15 -21.39 -15.39
N GLY A 306 21.81 -21.28 -14.10
CA GLY A 306 22.71 -21.65 -13.02
C GLY A 306 22.52 -20.78 -11.79
N MET A 307 23.48 -20.87 -10.88
CA MET A 307 23.50 -20.06 -9.68
C MET A 307 24.72 -19.16 -9.71
N PHE A 308 24.51 -17.88 -9.39
CA PHE A 308 25.54 -16.85 -9.55
C PHE A 308 25.73 -16.03 -8.28
N ASP A 309 26.93 -16.12 -7.71
CA ASP A 309 27.35 -15.21 -6.64
C ASP A 309 27.74 -13.87 -7.24
N HIS A 310 27.85 -12.86 -6.40
CA HIS A 310 28.37 -11.56 -6.82
C HIS A 310 29.17 -10.93 -5.68
N ASP A 311 30.45 -10.63 -5.94
CA ASP A 311 31.32 -10.11 -4.88
C ASP A 311 30.91 -8.72 -4.38
N GLY A 312 30.19 -7.96 -5.21
CA GLY A 312 29.66 -6.65 -4.78
C GLY A 312 28.70 -6.78 -3.61
N PHE A 313 28.11 -7.96 -3.46
CA PHE A 313 27.14 -8.24 -2.40
C PHE A 313 27.74 -9.00 -1.21
N LYS A 314 29.01 -9.39 -1.30
CA LYS A 314 29.61 -10.24 -0.27
C LYS A 314 29.99 -9.46 0.98
N GLY A 315 29.76 -10.09 2.13
CA GLY A 315 30.06 -9.51 3.44
C GLY A 315 31.38 -10.02 3.98
N GLU A 316 31.76 -9.48 5.14
CA GLU A 316 33.03 -9.81 5.79
C GLU A 316 32.80 -10.84 6.90
N PHE A 317 33.61 -11.89 6.91
CA PHE A 317 33.58 -12.89 7.99
C PHE A 317 34.29 -12.35 9.22
N GLU A 318 33.90 -12.83 10.40
CA GLU A 318 34.59 -12.52 11.65
C GLU A 318 35.97 -13.17 11.69
N ALA B 2 -36.54 -9.87 -1.25
CA ALA B 2 -37.28 -10.20 0.00
C ALA B 2 -36.91 -9.23 1.11
N GLU B 3 -37.80 -9.07 2.09
CA GLU B 3 -37.55 -8.22 3.25
C GLU B 3 -36.80 -9.02 4.31
N ARG B 4 -35.70 -8.47 4.78
CA ARG B 4 -34.82 -9.16 5.74
C ARG B 4 -34.66 -8.30 6.98
N GLU B 5 -35.32 -8.68 8.08
CA GLU B 5 -35.28 -7.89 9.31
C GLU B 5 -34.52 -8.60 10.40
N PHE B 6 -33.53 -7.89 10.96
CA PHE B 6 -32.62 -8.41 11.98
C PHE B 6 -32.60 -7.47 13.18
N ASP B 7 -32.32 -8.03 14.35
CA ASP B 7 -32.07 -7.24 15.55
C ASP B 7 -30.60 -7.42 15.94
N MET B 8 -29.87 -6.31 16.07
CA MET B 8 -28.48 -6.35 16.52
C MET B 8 -28.36 -5.56 17.81
N THR B 9 -27.45 -5.98 18.68
CA THR B 9 -27.10 -5.17 19.85
C THR B 9 -25.64 -4.80 19.78
N ILE B 10 -25.25 -3.86 20.62
CA ILE B 10 -23.85 -3.52 20.82
C ILE B 10 -23.55 -3.78 22.29
N GLU B 11 -22.52 -4.57 22.56
CA GLU B 11 -22.23 -5.03 23.91
C GLU B 11 -20.79 -4.76 24.33
N GLU B 12 -20.59 -4.49 25.61
CA GLU B 12 -19.26 -4.41 26.20
C GLU B 12 -18.86 -5.81 26.63
N VAL B 13 -17.88 -6.36 25.92
CA VAL B 13 -17.37 -7.69 26.22
C VAL B 13 -15.86 -7.71 26.09
N THR B 14 -15.26 -8.81 26.56
CA THR B 14 -13.82 -9.02 26.46
C THR B 14 -13.57 -10.27 25.62
N ILE B 15 -12.63 -10.18 24.69
CA ILE B 15 -12.26 -11.32 23.87
C ILE B 15 -10.78 -11.63 24.07
N LYS B 16 -10.40 -12.87 23.74
CA LYS B 16 -8.99 -13.24 23.73
C LYS B 16 -8.45 -13.15 22.31
N VAL B 17 -7.52 -12.22 22.11
CA VAL B 17 -6.92 -12.01 20.78
C VAL B 17 -5.67 -12.88 20.62
N ALA B 18 -4.87 -12.96 21.67
CA ALA B 18 -3.68 -13.79 21.68
C ALA B 18 -3.45 -14.35 23.08
N PRO B 19 -2.60 -15.39 23.19
CA PRO B 19 -2.25 -15.86 24.51
C PRO B 19 -1.69 -14.70 25.33
N GLY B 20 -2.31 -14.45 26.48
CA GLY B 20 -1.91 -13.36 27.36
C GLY B 20 -2.55 -12.02 27.07
N LEU B 21 -3.30 -11.91 25.96
CA LEU B 21 -3.94 -10.65 25.58
C LEU B 21 -5.46 -10.79 25.50
N ASP B 22 -6.13 -10.44 26.59
CA ASP B 22 -7.57 -10.24 26.57
C ASP B 22 -7.81 -8.77 26.23
N TYR B 23 -8.84 -8.49 25.45
CA TYR B 23 -9.05 -7.15 24.91
C TYR B 23 -10.51 -6.76 25.09
N LYS B 24 -10.75 -5.58 25.66
CA LYS B 24 -12.10 -5.05 25.81
C LYS B 24 -12.55 -4.48 24.48
N VAL B 25 -13.71 -4.92 24.02
CA VAL B 25 -14.24 -4.52 22.72
C VAL B 25 -15.71 -4.11 22.84
N PHE B 26 -16.22 -3.49 21.78
CA PHE B 26 -17.64 -3.19 21.66
C PHE B 26 -18.18 -4.12 20.58
N GLY B 27 -18.61 -5.30 20.99
CA GLY B 27 -18.99 -6.34 20.05
C GLY B 27 -20.43 -6.23 19.61
N PHE B 28 -20.65 -6.25 18.30
CA PHE B 28 -21.99 -6.38 17.78
C PHE B 28 -22.48 -7.77 18.15
N ASN B 29 -23.66 -7.86 18.77
CA ASN B 29 -24.14 -9.10 19.38
C ASN B 29 -23.09 -9.77 20.29
N GLY B 30 -22.25 -8.94 20.92
CA GLY B 30 -21.23 -9.42 21.84
C GLY B 30 -20.17 -10.33 21.24
N GLN B 31 -19.90 -10.15 19.94
CA GLN B 31 -18.87 -10.93 19.28
C GLN B 31 -18.02 -10.09 18.32
N VAL B 32 -16.79 -10.57 18.09
CA VAL B 32 -15.88 -10.00 17.11
C VAL B 32 -15.18 -11.17 16.38
N PRO B 33 -15.27 -11.21 15.03
CA PRO B 33 -16.05 -10.36 14.14
C PRO B 33 -17.53 -10.32 14.50
N GLY B 34 -18.19 -9.24 14.09
CA GLY B 34 -19.63 -9.12 14.24
C GLY B 34 -20.34 -10.20 13.45
N PRO B 35 -21.66 -10.33 13.66
CA PRO B 35 -22.42 -11.33 12.93
C PRO B 35 -22.32 -11.19 11.41
N LEU B 36 -22.30 -12.32 10.74
CA LEU B 36 -22.40 -12.34 9.28
C LEU B 36 -23.81 -11.94 8.88
N ILE B 37 -23.91 -10.97 7.98
CA ILE B 37 -25.16 -10.67 7.31
C ILE B 37 -25.00 -11.12 5.86
N HIS B 38 -25.89 -12.01 5.42
CA HIS B 38 -25.83 -12.58 4.07
C HIS B 38 -27.20 -12.43 3.43
N VAL B 39 -27.27 -11.63 2.37
CA VAL B 39 -28.53 -11.34 1.69
C VAL B 39 -28.36 -11.46 0.17
N GLN B 40 -29.46 -11.35 -0.56
CA GLN B 40 -29.43 -11.37 -2.01
C GLN B 40 -29.55 -9.97 -2.59
N GLU B 41 -28.93 -9.76 -3.75
CA GLU B 41 -29.10 -8.52 -4.51
C GLU B 41 -30.57 -8.15 -4.62
N GLY B 42 -30.90 -6.93 -4.23
CA GLY B 42 -32.26 -6.43 -4.29
C GLY B 42 -33.07 -6.54 -3.00
N ASP B 43 -32.57 -7.29 -2.02
CA ASP B 43 -33.28 -7.46 -0.75
C ASP B 43 -33.43 -6.13 -0.01
N ASP B 44 -34.57 -5.99 0.68
CA ASP B 44 -34.79 -4.85 1.55
C ASP B 44 -34.40 -5.24 2.96
N VAL B 45 -33.41 -4.54 3.50
CA VAL B 45 -32.83 -4.87 4.80
C VAL B 45 -33.32 -3.88 5.85
N ILE B 46 -33.70 -4.40 7.02
CA ILE B 46 -34.07 -3.58 8.17
C ILE B 46 -33.26 -4.09 9.35
N VAL B 47 -32.48 -3.21 9.97
CA VAL B 47 -31.65 -3.59 11.12
C VAL B 47 -32.02 -2.72 12.33
N ASN B 48 -32.53 -3.36 13.38
CA ASN B 48 -32.89 -2.66 14.62
C ASN B 48 -31.75 -2.81 15.61
N VAL B 49 -31.13 -1.69 15.94
CA VAL B 49 -29.88 -1.67 16.71
C VAL B 49 -30.13 -1.07 18.08
N THR B 50 -29.73 -1.79 19.12
CA THR B 50 -29.81 -1.31 20.50
C THR B 50 -28.40 -1.24 21.10
N ASN B 51 -28.08 -0.06 21.63
CA ASN B 51 -26.78 0.22 22.21
C ASN B 51 -26.78 -0.14 23.69
N ASN B 52 -26.21 -1.31 24.02
CA ASN B 52 -26.09 -1.73 25.42
C ASN B 52 -24.70 -1.44 26.00
N THR B 53 -24.05 -0.39 25.49
CA THR B 53 -22.76 0.05 26.01
C THR B 53 -22.90 1.44 26.65
N SER B 54 -21.80 1.91 27.22
CA SER B 54 -21.74 3.19 27.91
C SER B 54 -21.39 4.38 27.00
N LEU B 55 -21.14 4.11 25.72
CA LEU B 55 -20.73 5.14 24.76
C LEU B 55 -21.63 5.17 23.52
N PRO B 56 -21.70 6.32 22.82
CA PRO B 56 -22.45 6.38 21.57
C PRO B 56 -21.77 5.63 20.41
N HIS B 57 -22.60 5.09 19.52
CA HIS B 57 -22.15 4.38 18.33
C HIS B 57 -23.11 4.65 17.19
N THR B 58 -22.71 4.20 16.00
CA THR B 58 -23.60 4.07 14.84
C THR B 58 -23.22 2.78 14.13
N ILE B 59 -23.95 2.45 13.08
CA ILE B 59 -23.46 1.46 12.12
C ILE B 59 -23.50 2.03 10.72
N HIS B 60 -22.34 2.07 10.08
CA HIS B 60 -22.22 2.42 8.68
C HIS B 60 -22.08 1.14 7.87
N TRP B 61 -22.77 1.10 6.73
CA TRP B 61 -22.82 -0.08 5.89
C TRP B 61 -21.91 0.23 4.70
N HIS B 62 -20.69 -0.27 4.79
CA HIS B 62 -19.62 0.12 3.86
C HIS B 62 -19.76 -0.63 2.53
N GLY B 63 -20.02 0.13 1.48
CA GLY B 63 -20.28 -0.42 0.16
C GLY B 63 -21.73 -0.25 -0.26
N VAL B 64 -22.63 -0.11 0.70
CA VAL B 64 -24.06 0.08 0.42
C VAL B 64 -24.26 1.51 -0.06
N HIS B 65 -24.86 1.67 -1.24
CA HIS B 65 -25.05 2.99 -1.84
C HIS B 65 -26.00 3.87 -1.02
N GLN B 66 -26.98 3.25 -0.37
CA GLN B 66 -28.04 3.98 0.32
C GLN B 66 -28.80 4.85 -0.67
N LYS B 67 -29.18 4.25 -1.79
CA LYS B 67 -29.87 4.95 -2.88
C LYS B 67 -31.24 5.45 -2.40
N GLY B 68 -31.34 6.76 -2.19
CA GLY B 68 -32.55 7.37 -1.63
C GLY B 68 -32.76 7.11 -0.14
N THR B 69 -31.74 6.58 0.54
CA THR B 69 -31.83 6.26 1.97
C THR B 69 -30.57 6.75 2.72
N TRP B 70 -30.04 7.91 2.31
CA TRP B 70 -28.81 8.43 2.92
C TRP B 70 -28.88 8.59 4.44
N ARG B 71 -30.09 8.80 4.98
CA ARG B 71 -30.28 8.89 6.42
C ARG B 71 -30.03 7.57 7.17
N SER B 72 -29.79 6.48 6.44
CA SER B 72 -29.36 5.20 7.03
C SER B 72 -27.87 4.90 6.81
N ASP B 73 -27.10 5.91 6.39
CA ASP B 73 -25.67 5.72 6.09
C ASP B 73 -24.81 5.53 7.34
N GLY B 74 -25.30 5.97 8.49
CA GLY B 74 -24.64 5.70 9.77
C GLY B 74 -23.47 6.60 10.15
N VAL B 75 -23.48 7.84 9.66
CA VAL B 75 -22.37 8.76 9.94
C VAL B 75 -22.83 9.86 10.92
N PRO B 76 -22.25 9.88 12.12
CA PRO B 76 -22.71 10.83 13.12
C PRO B 76 -22.39 12.26 12.72
N GLY B 77 -23.34 13.16 12.93
CA GLY B 77 -23.17 14.57 12.55
C GLY B 77 -23.28 14.85 11.06
N VAL B 78 -23.46 13.81 10.25
CA VAL B 78 -23.64 13.95 8.81
C VAL B 78 -24.98 13.39 8.36
N THR B 79 -25.28 12.14 8.73
CA THR B 79 -26.56 11.52 8.35
C THR B 79 -27.50 11.20 9.51
N GLN B 80 -26.96 11.18 10.74
CA GLN B 80 -27.79 11.01 11.92
C GLN B 80 -27.08 11.57 13.14
N GLN B 81 -27.84 11.75 14.22
CA GLN B 81 -27.26 11.94 15.54
C GLN B 81 -26.86 10.53 16.01
N PRO B 82 -25.81 10.42 16.85
CA PRO B 82 -25.36 9.08 17.22
C PRO B 82 -26.37 8.33 18.06
N ILE B 83 -26.20 7.01 18.15
CA ILE B 83 -27.05 6.17 18.98
C ILE B 83 -26.46 6.24 20.39
N GLU B 84 -27.14 6.93 21.28
CA GLU B 84 -26.61 7.14 22.63
C GLU B 84 -26.69 5.85 23.46
N ALA B 85 -25.94 5.81 24.55
CA ALA B 85 -25.94 4.67 25.47
C ALA B 85 -27.38 4.33 25.84
N GLY B 86 -27.77 3.07 25.63
CA GLY B 86 -29.10 2.58 26.01
C GLY B 86 -30.20 2.80 24.98
N ASP B 87 -29.91 3.58 23.94
CA ASP B 87 -30.92 3.91 22.93
C ASP B 87 -30.90 2.93 21.76
N SER B 88 -31.91 3.06 20.91
CA SER B 88 -32.06 2.21 19.74
C SER B 88 -32.24 3.04 18.48
N TYR B 89 -31.96 2.43 17.34
CA TYR B 89 -32.06 3.09 16.04
C TYR B 89 -32.26 2.01 14.99
N THR B 90 -33.10 2.31 13.99
CA THR B 90 -33.38 1.37 12.92
C THR B 90 -32.82 1.88 11.59
N TYR B 91 -32.06 1.00 10.94
CA TYR B 91 -31.50 1.25 9.62
C TYR B 91 -32.37 0.52 8.60
N LYS B 92 -32.65 1.17 7.49
CA LYS B 92 -33.39 0.57 6.38
C LYS B 92 -32.69 0.89 5.08
N PHE B 93 -32.35 -0.13 4.30
CA PHE B 93 -31.74 0.07 2.99
C PHE B 93 -31.99 -1.11 2.06
N LYS B 94 -31.88 -0.84 0.76
CA LYS B 94 -31.98 -1.88 -0.26
C LYS B 94 -30.58 -2.36 -0.63
N ALA B 95 -30.40 -3.67 -0.69
CA ALA B 95 -29.10 -4.26 -1.00
C ALA B 95 -28.89 -4.31 -2.51
N ASP B 96 -28.80 -3.15 -3.15
CA ASP B 96 -28.69 -3.11 -4.62
C ASP B 96 -27.23 -3.16 -5.10
N ARG B 97 -26.29 -2.96 -4.19
CA ARG B 97 -24.86 -3.13 -4.48
C ARG B 97 -24.42 -4.54 -4.10
N ILE B 98 -23.83 -5.24 -5.06
CA ILE B 98 -23.48 -6.64 -4.88
C ILE B 98 -22.10 -6.83 -4.26
N GLY B 99 -21.87 -8.02 -3.71
CA GLY B 99 -20.54 -8.48 -3.37
C GLY B 99 -20.14 -8.42 -1.91
N THR B 100 -18.83 -8.48 -1.70
CA THR B 100 -18.24 -8.42 -0.37
C THR B 100 -18.28 -7.00 0.17
N LEU B 101 -19.26 -6.73 1.04
CA LEU B 101 -19.37 -5.47 1.75
C LEU B 101 -19.06 -5.72 3.22
N TRP B 102 -19.10 -4.67 4.02
CA TRP B 102 -18.96 -4.83 5.46
C TRP B 102 -19.66 -3.70 6.18
N TYR B 103 -19.68 -3.78 7.50
CA TYR B 103 -20.31 -2.76 8.30
C TYR B 103 -19.44 -2.51 9.52
N HIS B 104 -19.50 -1.29 10.03
CA HIS B 104 -18.69 -0.94 11.18
C HIS B 104 -19.22 0.33 11.80
N CYS B 105 -18.85 0.55 13.06
CA CYS B 105 -19.20 1.81 13.71
C CYS B 105 -18.53 2.98 13.01
N HIS B 106 -19.19 4.14 13.06
CA HIS B 106 -18.60 5.35 12.46
C HIS B 106 -18.47 6.50 13.47
N VAL B 107 -18.55 6.16 14.76
CA VAL B 107 -18.24 7.09 15.85
C VAL B 107 -16.82 6.78 16.35
N ASN B 108 -16.04 7.81 16.63
CA ASN B 108 -14.68 7.61 17.16
C ASN B 108 -13.96 6.49 16.43
N VAL B 109 -14.00 6.54 15.10
CA VAL B 109 -13.58 5.42 14.23
C VAL B 109 -12.16 4.94 14.51
N ASN B 110 -11.25 5.87 14.78
CA ASN B 110 -9.85 5.52 15.02
C ASN B 110 -9.74 4.50 16.16
N GLU B 111 -10.53 4.67 17.22
CA GLU B 111 -10.56 3.70 18.31
C GLU B 111 -11.56 2.55 18.07
N HIS B 112 -12.80 2.88 17.77
CA HIS B 112 -13.87 1.87 17.76
C HIS B 112 -13.67 0.81 16.68
N VAL B 113 -13.26 1.23 15.49
CA VAL B 113 -12.97 0.29 14.40
C VAL B 113 -11.52 -0.20 14.48
N GLY B 114 -10.60 0.70 14.85
CA GLY B 114 -9.19 0.37 14.96
C GLY B 114 -8.87 -0.70 15.99
N VAL B 115 -9.42 -0.58 17.20
CA VAL B 115 -9.10 -1.52 18.28
C VAL B 115 -10.27 -2.10 19.10
N ARG B 116 -11.52 -1.70 18.84
CA ARG B 116 -12.65 -2.20 19.63
C ARG B 116 -13.56 -3.18 18.89
N GLY B 117 -13.11 -3.64 17.72
CA GLY B 117 -13.77 -4.75 17.04
C GLY B 117 -15.16 -4.48 16.49
N MET B 118 -15.47 -3.20 16.23
CA MET B 118 -16.81 -2.80 15.80
C MET B 118 -16.95 -2.94 14.30
N TRP B 119 -16.92 -4.19 13.82
CA TRP B 119 -17.03 -4.47 12.40
C TRP B 119 -17.49 -5.90 12.16
N GLY B 120 -18.07 -6.11 10.99
CA GLY B 120 -18.44 -7.45 10.57
C GLY B 120 -18.74 -7.48 9.08
N PRO B 121 -18.92 -8.68 8.52
CA PRO B 121 -19.11 -8.83 7.08
C PRO B 121 -20.56 -8.76 6.60
N LEU B 122 -20.76 -8.14 5.45
CA LEU B 122 -22.07 -8.04 4.81
C LEU B 122 -21.89 -8.57 3.38
N ILE B 123 -22.41 -9.76 3.13
CA ILE B 123 -22.27 -10.41 1.82
C ILE B 123 -23.57 -10.30 1.06
N VAL B 124 -23.51 -9.69 -0.12
CA VAL B 124 -24.67 -9.55 -0.99
C VAL B 124 -24.47 -10.44 -2.22
N ASP B 125 -25.26 -11.49 -2.34
CA ASP B 125 -25.13 -12.43 -3.46
C ASP B 125 -25.64 -11.78 -4.74
N PRO B 126 -24.81 -11.74 -5.79
CA PRO B 126 -25.32 -11.18 -7.04
C PRO B 126 -26.34 -12.10 -7.71
N LYS B 127 -27.30 -11.51 -8.41
CA LYS B 127 -28.21 -12.27 -9.27
C LYS B 127 -27.45 -13.07 -10.32
N GLN B 128 -26.34 -12.48 -10.81
CA GLN B 128 -25.52 -13.10 -11.84
C GLN B 128 -24.07 -13.27 -11.36
N PRO B 129 -23.80 -14.36 -10.63
CA PRO B 129 -22.42 -14.62 -10.22
C PRO B 129 -21.53 -14.94 -11.42
N LEU B 130 -20.21 -14.84 -11.22
CA LEU B 130 -19.26 -15.22 -12.25
C LEU B 130 -19.29 -16.74 -12.44
N PRO B 131 -18.97 -17.22 -13.66
CA PRO B 131 -18.84 -18.66 -13.87
C PRO B 131 -17.98 -19.35 -12.81
N ILE B 132 -16.86 -18.73 -12.44
CA ILE B 132 -15.96 -19.34 -11.46
C ILE B 132 -16.59 -19.38 -10.07
N GLU B 133 -17.43 -18.39 -9.74
CA GLU B 133 -18.14 -18.39 -8.47
C GLU B 133 -19.13 -19.53 -8.35
N LYS B 134 -19.68 -19.97 -9.48
CA LYS B 134 -20.61 -21.11 -9.51
C LYS B 134 -19.89 -22.44 -9.23
N ARG B 135 -18.57 -22.48 -9.39
CA ARG B 135 -17.76 -23.66 -9.10
C ARG B 135 -17.27 -23.72 -7.64
N VAL B 136 -17.47 -22.63 -6.90
CA VAL B 136 -16.97 -22.54 -5.53
C VAL B 136 -17.61 -23.56 -4.60
N THR B 137 -16.77 -24.28 -3.86
CA THR B 137 -17.21 -25.29 -2.91
C THR B 137 -17.01 -24.88 -1.45
N LYS B 138 -16.23 -23.83 -1.22
CA LYS B 138 -15.98 -23.29 0.12
C LYS B 138 -15.77 -21.79 0.04
N ASP B 139 -16.47 -21.06 0.89
CA ASP B 139 -16.43 -19.60 0.91
C ASP B 139 -15.82 -19.19 2.24
N VAL B 140 -14.83 -18.30 2.20
CA VAL B 140 -13.97 -18.02 3.34
C VAL B 140 -13.86 -16.51 3.55
N ILE B 141 -14.16 -16.06 4.77
CA ILE B 141 -14.06 -14.65 5.16
C ILE B 141 -12.84 -14.44 6.06
N MET B 142 -11.95 -13.54 5.65
CA MET B 142 -10.77 -13.19 6.42
C MET B 142 -10.70 -11.68 6.68
N MET B 143 -11.01 -11.28 7.92
CA MET B 143 -11.02 -9.88 8.31
C MET B 143 -9.79 -9.56 9.14
N MET B 144 -8.90 -8.78 8.56
CA MET B 144 -7.63 -8.46 9.20
C MET B 144 -7.72 -7.18 10.01
N SER B 145 -7.09 -7.19 11.18
CA SER B 145 -7.00 -5.99 12.00
C SER B 145 -5.77 -6.03 12.89
N THR B 146 -5.56 -4.94 13.62
CA THR B 146 -4.41 -4.79 14.51
C THR B 146 -4.89 -4.35 15.89
N TRP B 147 -4.04 -4.54 16.90
CA TRP B 147 -4.41 -4.29 18.28
C TRP B 147 -3.26 -3.60 18.99
N GLU B 148 -3.59 -2.72 19.92
CA GLU B 148 -2.61 -1.98 20.71
C GLU B 148 -2.74 -2.47 22.15
N SER B 149 -1.79 -3.29 22.60
CA SER B 149 -1.92 -3.94 23.92
C SER B 149 -2.03 -2.93 25.08
N ALA B 150 -1.44 -1.75 24.92
CA ALA B 150 -1.45 -0.72 25.97
C ALA B 150 -2.85 -0.27 26.37
N VAL B 151 -3.80 -0.32 25.44
CA VAL B 151 -5.17 0.12 25.70
C VAL B 151 -6.17 -1.03 25.71
N ALA B 152 -5.67 -2.25 25.91
CA ALA B 152 -6.53 -3.44 25.95
C ALA B 152 -7.66 -3.29 26.97
N ASP B 153 -7.36 -2.67 28.11
CA ASP B 153 -8.31 -2.56 29.22
C ASP B 153 -8.92 -1.16 29.33
N LYS B 154 -8.82 -0.35 28.28
CA LYS B 154 -9.04 1.09 28.41
C LYS B 154 -9.92 1.70 27.32
N TYR B 155 -11.23 1.43 27.40
CA TYR B 155 -12.20 2.10 26.52
C TYR B 155 -11.97 3.61 26.58
N GLY B 156 -12.00 4.27 25.41
CA GLY B 156 -11.80 5.71 25.35
C GLY B 156 -10.38 6.11 24.97
N GLU B 157 -9.50 5.12 24.83
CA GLU B 157 -8.11 5.36 24.46
C GLU B 157 -7.72 4.47 23.29
N GLY B 158 -6.74 4.92 22.52
CA GLY B 158 -6.13 4.10 21.48
C GLY B 158 -6.45 4.57 20.08
N GLY B 159 -5.80 3.94 19.10
CA GLY B 159 -6.03 4.26 17.69
C GLY B 159 -5.50 5.61 17.24
N THR B 160 -4.38 6.04 17.81
CA THR B 160 -3.73 7.28 17.38
C THR B 160 -2.32 6.96 16.90
N PRO B 161 -1.70 7.88 16.14
CA PRO B 161 -0.32 7.67 15.71
C PRO B 161 0.70 7.51 16.85
N MET B 162 0.33 7.95 18.04
CA MET B 162 1.18 7.84 19.23
C MET B 162 1.11 6.46 19.89
N ASN B 163 0.10 5.66 19.53
CA ASN B 163 -0.03 4.29 20.03
C ASN B 163 0.82 3.32 19.21
N VAL B 164 1.08 2.15 19.78
CA VAL B 164 1.84 1.12 19.10
C VAL B 164 0.96 -0.09 18.84
N ALA B 165 0.73 -0.42 17.58
CA ALA B 165 0.04 -1.66 17.22
C ALA B 165 1.05 -2.79 17.31
N ASP B 166 0.87 -3.66 18.31
CA ASP B 166 1.82 -4.73 18.57
C ASP B 166 1.24 -6.15 18.49
N TYR B 167 -0.04 -6.27 18.18
CA TYR B 167 -0.66 -7.56 17.86
C TYR B 167 -1.47 -7.45 16.57
N PHE B 168 -1.62 -8.57 15.88
CA PHE B 168 -2.18 -8.61 14.54
C PHE B 168 -3.01 -9.88 14.38
N SER B 169 -4.10 -9.81 13.64
CA SER B 169 -5.03 -10.92 13.62
C SER B 169 -5.78 -11.11 12.31
N VAL B 170 -6.30 -12.31 12.15
CA VAL B 170 -7.41 -12.57 11.22
C VAL B 170 -8.59 -13.02 12.07
N ASN B 171 -9.75 -12.42 11.81
CA ASN B 171 -10.97 -12.72 12.56
C ASN B 171 -10.74 -12.70 14.07
N ALA B 172 -10.02 -11.66 14.51
CA ALA B 172 -9.80 -11.35 15.92
C ALA B 172 -8.97 -12.37 16.71
N LYS B 173 -8.22 -13.22 16.01
CA LYS B 173 -7.27 -14.13 16.63
C LYS B 173 -5.88 -13.99 16.02
N SER B 174 -4.88 -14.09 16.90
CA SER B 174 -3.46 -14.10 16.52
C SER B 174 -2.97 -15.54 16.63
N PHE B 175 -2.26 -16.00 15.61
CA PHE B 175 -1.65 -17.33 15.64
C PHE B 175 -0.86 -17.52 16.94
N PRO B 176 -0.97 -18.70 17.57
CA PRO B 176 -1.62 -19.94 17.16
C PRO B 176 -3.13 -20.09 17.46
N LEU B 177 -3.80 -19.03 17.89
CA LEU B 177 -5.23 -19.11 18.23
C LEU B 177 -6.17 -18.99 17.02
N THR B 178 -5.59 -18.78 15.83
CA THR B 178 -6.35 -18.87 14.59
C THR B 178 -6.72 -20.33 14.32
N GLN B 179 -7.37 -20.59 13.19
CA GLN B 179 -7.79 -21.94 12.84
C GLN B 179 -7.30 -22.26 11.44
N PRO B 180 -7.05 -23.55 11.16
CA PRO B 180 -6.64 -23.93 9.82
C PRO B 180 -7.78 -23.79 8.83
N LEU B 181 -7.42 -23.62 7.57
CA LEU B 181 -8.36 -23.64 6.48
C LEU B 181 -8.30 -25.04 5.86
N ARG B 182 -9.24 -25.89 6.24
CA ARG B 182 -9.22 -27.29 5.83
C ARG B 182 -9.95 -27.48 4.52
N VAL B 183 -9.27 -28.08 3.55
CA VAL B 183 -9.81 -28.30 2.22
C VAL B 183 -9.57 -29.75 1.82
N LYS B 184 -10.19 -30.13 0.71
CA LYS B 184 -9.93 -31.42 0.08
C LYS B 184 -9.50 -31.16 -1.36
N LYS B 185 -8.70 -32.05 -1.90
CA LYS B 185 -8.27 -31.94 -3.29
C LYS B 185 -9.49 -31.77 -4.19
N GLY B 186 -9.43 -30.78 -5.07
CA GLY B 186 -10.54 -30.49 -5.98
C GLY B 186 -11.45 -29.37 -5.52
N ASP B 187 -11.34 -28.96 -4.26
CA ASP B 187 -12.09 -27.81 -3.75
C ASP B 187 -11.78 -26.58 -4.60
N VAL B 188 -12.77 -25.72 -4.72
CA VAL B 188 -12.58 -24.40 -5.31
C VAL B 188 -12.95 -23.41 -4.23
N VAL B 189 -11.96 -22.66 -3.76
CA VAL B 189 -12.08 -21.86 -2.54
C VAL B 189 -12.16 -20.39 -2.89
N LYS B 190 -13.24 -19.74 -2.48
CA LYS B 190 -13.37 -18.29 -2.58
C LYS B 190 -12.93 -17.70 -1.26
N ILE B 191 -11.93 -16.83 -1.29
CA ILE B 191 -11.47 -16.13 -0.09
C ILE B 191 -11.74 -14.64 -0.25
N ARG B 192 -12.39 -14.06 0.77
CA ARG B 192 -12.71 -12.65 0.79
C ARG B 192 -11.86 -12.01 1.88
N PHE B 193 -10.92 -11.16 1.45
CA PHE B 193 -10.04 -10.42 2.36
C PHE B 193 -10.67 -9.05 2.69
N PHE B 194 -10.63 -8.67 3.96
CA PHE B 194 -11.11 -7.37 4.40
C PHE B 194 -10.02 -6.62 5.18
N GLY B 195 -9.77 -5.36 4.81
CA GLY B 195 -8.95 -4.47 5.64
C GLY B 195 -9.82 -3.83 6.71
N ALA B 196 -10.10 -4.58 7.77
CA ALA B 196 -11.04 -4.13 8.82
C ALA B 196 -10.43 -3.09 9.75
N GLY B 197 -9.18 -3.30 10.15
CA GLY B 197 -8.48 -2.37 11.04
C GLY B 197 -7.69 -1.29 10.31
N GLY B 198 -6.74 -0.68 11.01
CA GLY B 198 -5.97 0.43 10.48
C GLY B 198 -4.64 0.07 9.81
N GLY B 199 -4.39 -1.22 9.65
CA GLY B 199 -3.13 -1.71 9.09
C GLY B 199 -3.21 -2.14 7.64
N ILE B 200 -2.04 -2.35 7.03
CA ILE B 200 -1.94 -2.94 5.70
C ILE B 200 -1.41 -4.37 5.81
N HIS B 201 -1.99 -5.28 5.05
CA HIS B 201 -1.68 -6.69 5.18
C HIS B 201 -1.37 -7.25 3.79
N ALA B 202 -0.28 -7.99 3.68
CA ALA B 202 0.18 -8.56 2.41
C ALA B 202 -0.04 -10.05 2.48
N MET B 203 -1.23 -10.48 2.06
CA MET B 203 -1.67 -11.86 2.25
C MET B 203 -1.06 -12.78 1.21
N HIS B 204 -0.27 -13.75 1.66
CA HIS B 204 0.45 -14.66 0.79
C HIS B 204 0.06 -16.10 1.03
N SER B 205 -0.34 -16.78 -0.04
CA SER B 205 -0.68 -18.20 0.00
C SER B 205 0.49 -19.05 -0.52
N HIS B 206 1.05 -19.89 0.35
CA HIS B 206 2.02 -20.88 -0.11
C HIS B 206 1.31 -21.93 -0.95
N GLY B 207 2.05 -22.50 -1.90
CA GLY B 207 1.60 -23.67 -2.65
C GLY B 207 0.58 -23.41 -3.74
N HIS B 208 0.08 -22.18 -3.84
CA HIS B 208 -1.01 -21.85 -4.76
C HIS B 208 -0.89 -20.41 -5.19
N ASP B 209 -1.32 -20.14 -6.42
CA ASP B 209 -1.64 -18.78 -6.83
C ASP B 209 -3.11 -18.49 -6.56
N MET B 210 -3.39 -17.22 -6.33
CA MET B 210 -4.74 -16.73 -6.14
C MET B 210 -5.15 -15.99 -7.41
N LEU B 211 -6.36 -16.25 -7.91
CA LEU B 211 -6.91 -15.42 -8.99
C LEU B 211 -7.73 -14.33 -8.34
N VAL B 212 -7.29 -13.09 -8.50
CA VAL B 212 -8.00 -11.94 -7.95
C VAL B 212 -9.16 -11.59 -8.89
N THR B 213 -10.38 -11.78 -8.39
CA THR B 213 -11.59 -11.68 -9.19
C THR B 213 -12.43 -10.44 -8.89
N HIS B 214 -12.37 -9.92 -7.67
CA HIS B 214 -13.19 -8.75 -7.28
C HIS B 214 -12.40 -7.78 -6.44
N LYS B 215 -12.66 -6.50 -6.66
CA LYS B 215 -12.13 -5.40 -5.87
C LYS B 215 -13.33 -4.70 -5.24
N ASP B 216 -13.32 -4.58 -3.91
CA ASP B 216 -14.41 -3.97 -3.16
C ASP B 216 -15.77 -4.58 -3.50
N GLY B 217 -15.77 -5.90 -3.75
CA GLY B 217 -16.99 -6.63 -4.02
C GLY B 217 -17.43 -6.66 -5.47
N LEU B 218 -16.84 -5.83 -6.33
CA LEU B 218 -17.26 -5.77 -7.75
C LEU B 218 -16.28 -6.54 -8.64
N PRO B 219 -16.81 -7.29 -9.61
CA PRO B 219 -15.97 -8.14 -10.43
C PRO B 219 -15.10 -7.36 -11.42
N LEU B 220 -13.83 -7.72 -11.46
CA LEU B 220 -12.87 -7.10 -12.36
C LEU B 220 -13.08 -7.60 -13.78
N ASP B 221 -13.05 -6.69 -14.75
CA ASP B 221 -13.05 -7.06 -16.16
C ASP B 221 -11.79 -7.84 -16.52
N SER B 222 -10.67 -7.49 -15.88
CA SER B 222 -9.38 -8.13 -16.09
C SER B 222 -8.86 -8.73 -14.77
N PRO B 223 -9.37 -9.91 -14.39
CA PRO B 223 -8.83 -10.54 -13.19
C PRO B 223 -7.37 -10.91 -13.42
N TYR B 224 -6.62 -11.06 -12.33
CA TYR B 224 -5.19 -11.35 -12.43
C TYR B 224 -4.74 -12.30 -11.31
N TYR B 225 -3.68 -13.04 -11.59
CA TYR B 225 -3.10 -13.96 -10.61
C TYR B 225 -2.11 -13.21 -9.72
N ALA B 226 -2.07 -13.62 -8.45
CA ALA B 226 -1.15 -13.08 -7.47
C ALA B 226 -0.81 -14.18 -6.50
N ASP B 227 0.40 -14.18 -5.96
CA ASP B 227 0.68 -14.99 -4.78
C ASP B 227 0.68 -14.15 -3.50
N THR B 228 0.67 -12.83 -3.64
CA THR B 228 0.60 -11.90 -2.50
C THR B 228 -0.37 -10.78 -2.83
N VAL B 229 -1.39 -10.60 -1.99
CA VAL B 229 -2.42 -9.57 -2.20
C VAL B 229 -2.37 -8.53 -1.09
N LEU B 230 -2.08 -7.28 -1.45
CA LEU B 230 -2.02 -6.19 -0.47
C LEU B 230 -3.44 -5.70 -0.15
N VAL B 231 -3.79 -5.74 1.13
CA VAL B 231 -5.12 -5.31 1.61
C VAL B 231 -4.94 -4.17 2.58
N SER B 232 -5.54 -3.02 2.28
CA SER B 232 -5.41 -1.83 3.12
C SER B 232 -6.76 -1.44 3.71
N PRO B 233 -6.76 -0.52 4.69
CA PRO B 233 -8.00 -0.22 5.41
C PRO B 233 -9.17 0.17 4.49
N GLY B 234 -10.30 -0.51 4.70
CA GLY B 234 -11.51 -0.25 3.95
C GLY B 234 -11.68 -1.17 2.76
N GLU B 235 -10.58 -1.69 2.23
CA GLU B 235 -10.63 -2.47 0.99
C GLU B 235 -11.12 -3.89 1.20
N ARG B 236 -11.70 -4.46 0.15
CA ARG B 236 -11.89 -5.92 0.08
C ARG B 236 -11.37 -6.44 -1.25
N TYR B 237 -10.81 -7.64 -1.21
CA TYR B 237 -10.43 -8.38 -2.40
C TYR B 237 -11.00 -9.79 -2.29
N ASP B 238 -11.63 -10.26 -3.38
CA ASP B 238 -12.05 -11.65 -3.49
C ASP B 238 -11.07 -12.36 -4.39
N VAL B 239 -10.66 -13.55 -3.98
CA VAL B 239 -9.81 -14.38 -4.81
C VAL B 239 -10.38 -15.80 -4.91
N ILE B 240 -9.90 -16.54 -5.89
CA ILE B 240 -10.19 -17.98 -6.01
C ILE B 240 -8.88 -18.76 -5.92
N ILE B 241 -8.87 -19.77 -5.06
CA ILE B 241 -7.79 -20.77 -5.05
C ILE B 241 -8.34 -22.13 -5.48
N GLU B 242 -7.69 -22.73 -6.47
CA GLU B 242 -7.99 -24.10 -6.89
C GLU B 242 -7.18 -25.00 -5.98
N ALA B 243 -7.85 -25.83 -5.19
CA ALA B 243 -7.16 -26.69 -4.22
C ALA B 243 -6.71 -27.96 -4.92
N ASP B 244 -5.65 -27.84 -5.72
CA ASP B 244 -5.18 -28.92 -6.59
C ASP B 244 -3.79 -29.43 -6.22
N ASN B 245 -3.32 -29.09 -5.02
CA ASN B 245 -1.94 -29.36 -4.63
C ASN B 245 -1.87 -29.80 -3.16
N PRO B 246 -2.22 -31.07 -2.88
CA PRO B 246 -2.24 -31.55 -1.50
C PRO B 246 -0.94 -31.38 -0.72
N GLY B 247 -1.08 -30.84 0.49
CA GLY B 247 0.04 -30.63 1.39
C GLY B 247 -0.46 -29.85 2.59
N ARG B 248 0.48 -29.33 3.38
CA ARG B 248 0.19 -28.32 4.40
C ARG B 248 0.87 -27.03 3.97
N PHE B 249 0.08 -26.02 3.62
CA PHE B 249 0.59 -24.79 3.02
C PHE B 249 0.19 -23.56 3.83
N ILE B 250 1.17 -22.93 4.44
CA ILE B 250 0.93 -21.78 5.30
C ILE B 250 0.39 -20.61 4.45
N PHE B 251 -0.36 -19.74 5.10
CA PHE B 251 -1.15 -18.70 4.41
C PHE B 251 -1.16 -17.55 5.40
N HIS B 252 -0.52 -16.44 5.05
CA HIS B 252 -0.26 -15.42 6.06
C HIS B 252 0.09 -14.04 5.54
N ASP B 253 0.00 -13.08 6.45
CA ASP B 253 0.45 -11.72 6.23
C ASP B 253 1.98 -11.72 6.11
N HIS B 254 2.47 -11.20 4.99
CA HIS B 254 3.89 -11.24 4.66
C HIS B 254 4.61 -9.98 5.16
N VAL B 255 3.88 -9.04 5.76
CA VAL B 255 4.52 -7.88 6.38
C VAL B 255 5.29 -8.38 7.60
N ASP B 256 6.61 -8.20 7.57
CA ASP B 256 7.52 -8.88 8.50
C ASP B 256 7.17 -8.65 9.98
N THR B 257 6.87 -7.42 10.35
CA THR B 257 6.54 -7.09 11.75
C THR B 257 5.19 -7.62 12.20
N HIS B 258 4.35 -8.01 11.25
CA HIS B 258 2.99 -8.47 11.55
C HIS B 258 2.93 -9.93 11.99
N VAL B 259 3.99 -10.70 11.75
CA VAL B 259 4.02 -12.09 12.21
C VAL B 259 4.70 -12.16 13.58
N THR B 260 4.31 -11.24 14.44
CA THR B 260 4.75 -11.18 15.83
C THR B 260 3.52 -10.97 16.73
N ALA B 261 3.72 -11.18 18.02
CA ALA B 261 2.70 -10.95 19.03
C ALA B 261 3.36 -10.35 20.26
N GLY B 262 3.17 -9.06 20.48
CA GLY B 262 3.82 -8.37 21.58
C GLY B 262 5.33 -8.50 21.56
N GLY B 263 5.91 -8.37 20.37
CA GLY B 263 7.37 -8.40 20.21
C GLY B 263 7.96 -9.78 20.03
N LYS B 264 7.17 -10.84 20.17
CA LYS B 264 7.70 -12.19 20.03
C LYS B 264 7.09 -12.92 18.84
N HIS B 265 7.82 -13.91 18.35
CA HIS B 265 7.47 -14.63 17.13
C HIS B 265 7.34 -16.11 17.46
N PRO B 266 6.41 -16.83 16.80
CA PRO B 266 5.49 -16.37 15.79
C PRO B 266 4.17 -15.89 16.39
N GLY B 267 3.42 -15.16 15.59
CA GLY B 267 2.08 -14.73 15.94
C GLY B 267 1.49 -14.07 14.72
N GLY B 268 0.30 -13.50 14.88
CA GLY B 268 -0.26 -12.67 13.82
C GLY B 268 -1.23 -13.39 12.90
N PRO B 269 -1.51 -12.79 11.72
CA PRO B 269 -2.50 -13.35 10.81
C PRO B 269 -1.91 -14.49 10.00
N ILE B 270 -1.94 -15.69 10.59
CA ILE B 270 -1.41 -16.89 9.98
C ILE B 270 -2.45 -17.99 10.07
N THR B 271 -2.65 -18.68 8.96
CA THR B 271 -3.38 -19.94 8.96
C THR B 271 -2.59 -20.93 8.11
N VAL B 272 -3.14 -22.13 7.96
CA VAL B 272 -2.54 -23.17 7.16
C VAL B 272 -3.64 -23.79 6.34
N ILE B 273 -3.40 -23.89 5.03
CA ILE B 273 -4.27 -24.64 4.14
C ILE B 273 -3.89 -26.11 4.34
N GLU B 274 -4.77 -26.84 5.01
CA GLU B 274 -4.54 -28.24 5.36
C GLU B 274 -5.41 -29.11 4.47
N TYR B 275 -4.81 -29.91 3.61
CA TYR B 275 -5.59 -30.81 2.78
C TYR B 275 -5.93 -32.09 3.55
N ASP B 276 -7.16 -32.57 3.37
CA ASP B 276 -7.58 -33.86 3.92
C ASP B 276 -6.65 -34.96 3.38
N GLY B 277 -6.30 -35.91 4.24
CA GLY B 277 -5.53 -37.07 3.81
C GLY B 277 -4.02 -36.92 3.74
N VAL B 278 -3.50 -35.74 4.10
CA VAL B 278 -2.06 -35.54 4.20
C VAL B 278 -1.59 -36.04 5.57
N PRO B 279 -0.66 -37.03 5.61
CA PRO B 279 -0.22 -37.55 6.90
C PRO B 279 0.38 -36.48 7.82
N VAL B 280 0.16 -36.63 9.12
CA VAL B 280 0.50 -35.60 10.10
C VAL B 280 1.76 -35.95 10.90
N ASP B 281 2.81 -35.15 10.72
CA ASP B 281 4.05 -35.34 11.46
C ASP B 281 3.86 -34.93 12.91
N ASP B 282 4.57 -35.62 13.81
CA ASP B 282 4.50 -35.31 15.23
C ASP B 282 4.98 -33.90 15.60
N TRP B 283 5.78 -33.28 14.73
CA TRP B 283 6.25 -31.92 14.97
C TRP B 283 5.33 -30.85 14.37
N TYR B 284 4.27 -31.26 13.67
CA TYR B 284 3.33 -30.28 13.11
C TYR B 284 2.71 -29.42 14.22
N VAL B 285 2.85 -28.10 14.08
CA VAL B 285 2.42 -27.16 15.12
C VAL B 285 0.95 -27.30 15.51
N TRP B 286 0.09 -27.66 14.57
CA TRP B 286 -1.34 -27.79 14.84
C TRP B 286 -1.87 -29.22 14.79
N LYS B 287 -1.04 -30.19 15.12
CA LYS B 287 -1.45 -31.59 15.09
C LYS B 287 -2.61 -31.90 16.05
N ASP B 288 -2.68 -31.19 17.17
CA ASP B 288 -3.73 -31.44 18.18
C ASP B 288 -4.72 -30.28 18.28
N LYS B 289 -5.11 -29.71 17.15
CA LYS B 289 -5.95 -28.51 17.14
C LYS B 289 -7.40 -28.81 17.48
N ASP B 290 -7.96 -28.05 18.42
CA ASP B 290 -9.40 -28.07 18.66
C ASP B 290 -10.06 -27.24 17.54
N TYR B 291 -10.56 -27.94 16.53
CA TYR B 291 -10.93 -27.32 15.27
C TYR B 291 -12.30 -26.63 15.32
N ASP B 292 -12.37 -25.43 14.75
CA ASP B 292 -13.62 -24.71 14.52
C ASP B 292 -13.84 -24.57 13.02
N PRO B 293 -14.78 -25.36 12.47
CA PRO B 293 -15.02 -25.31 11.03
C PRO B 293 -15.65 -24.00 10.53
N ASN B 294 -16.14 -23.16 11.45
CA ASN B 294 -16.79 -21.90 11.07
C ASN B 294 -15.97 -20.65 11.41
N PHE B 295 -14.67 -20.83 11.62
CA PHE B 295 -13.78 -19.72 11.95
C PHE B 295 -13.72 -18.66 10.84
N PHE B 296 -13.90 -19.08 9.60
CA PHE B 296 -13.94 -18.16 8.46
C PHE B 296 -15.38 -17.98 7.93
N TYR B 297 -16.37 -18.25 8.79
CA TYR B 297 -17.80 -18.20 8.45
C TYR B 297 -18.24 -19.16 7.33
N SER B 298 -17.43 -20.19 7.05
CA SER B 298 -17.67 -21.04 5.89
C SER B 298 -18.95 -21.85 6.00
N GLU B 299 -19.29 -22.27 7.21
CA GLU B 299 -20.51 -23.01 7.43
C GLU B 299 -21.73 -22.10 7.40
N SER B 300 -21.66 -20.95 8.08
CA SER B 300 -22.76 -19.98 8.07
C SER B 300 -23.12 -19.50 6.65
N LEU B 301 -22.10 -19.34 5.80
CA LEU B 301 -22.29 -18.92 4.41
C LEU B 301 -23.10 -19.92 3.56
N LYS B 302 -23.28 -21.14 4.08
CA LYS B 302 -24.08 -22.17 3.38
C LYS B 302 -25.51 -22.29 3.90
N GLN B 303 -25.89 -21.49 4.89
CA GLN B 303 -27.14 -21.69 5.64
C GLN B 303 -28.23 -20.65 5.39
N GLY B 304 -28.22 -20.02 4.23
CA GLY B 304 -29.32 -19.17 3.82
C GLY B 304 -29.14 -17.71 4.14
N TYR B 305 -30.20 -16.93 3.96
CA TYR B 305 -30.11 -15.48 3.97
C TYR B 305 -30.63 -14.89 5.27
N GLY B 306 -29.80 -14.07 5.89
CA GLY B 306 -30.13 -13.48 7.17
C GLY B 306 -28.89 -13.13 7.96
N MET B 307 -29.03 -13.09 9.27
CA MET B 307 -27.93 -12.73 10.17
C MET B 307 -27.49 -13.94 10.99
N PHE B 308 -26.18 -14.14 11.09
CA PHE B 308 -25.59 -15.32 11.75
C PHE B 308 -24.62 -14.93 12.84
N ASP B 309 -24.91 -15.33 14.07
CA ASP B 309 -23.95 -15.24 15.17
C ASP B 309 -22.99 -16.42 15.07
N HIS B 310 -21.88 -16.35 15.81
CA HIS B 310 -20.98 -17.49 15.93
C HIS B 310 -20.41 -17.55 17.34
N ASP B 311 -20.67 -18.64 18.03
CA ASP B 311 -20.25 -18.78 19.43
C ASP B 311 -18.75 -18.61 19.64
N GLY B 312 -17.95 -19.05 18.68
CA GLY B 312 -16.50 -18.92 18.73
C GLY B 312 -15.99 -17.48 18.75
N PHE B 313 -16.82 -16.56 18.26
CA PHE B 313 -16.46 -15.15 18.23
C PHE B 313 -16.99 -14.36 19.43
N LYS B 314 -17.81 -15.00 20.28
CA LYS B 314 -18.44 -14.30 21.40
C LYS B 314 -17.43 -13.98 22.49
N GLY B 315 -17.55 -12.79 23.08
CA GLY B 315 -16.72 -12.37 24.19
C GLY B 315 -17.42 -12.56 25.52
N GLU B 316 -16.72 -12.28 26.60
CA GLU B 316 -17.25 -12.41 27.96
C GLU B 316 -17.66 -11.05 28.52
N PHE B 317 -18.78 -11.02 29.21
CA PHE B 317 -19.28 -9.80 29.86
C PHE B 317 -18.54 -9.53 31.17
N ALA C 2 1.29 25.52 -28.00
CA ALA C 2 1.59 26.93 -27.65
C ALA C 2 2.72 27.05 -26.64
N GLU C 3 3.44 28.17 -26.70
CA GLU C 3 4.44 28.49 -25.66
C GLU C 3 3.75 29.22 -24.52
N ARG C 4 3.90 28.70 -23.30
CA ARG C 4 3.28 29.28 -22.11
C ARG C 4 4.32 29.55 -21.04
N GLU C 5 4.47 30.83 -20.67
CA GLU C 5 5.51 31.23 -19.74
C GLU C 5 4.91 31.76 -18.45
N PHE C 6 5.34 31.18 -17.34
CA PHE C 6 4.83 31.51 -16.01
C PHE C 6 5.96 31.95 -15.09
N ASP C 7 5.62 32.79 -14.12
CA ASP C 7 6.57 33.23 -13.11
C ASP C 7 6.11 32.75 -11.75
N MET C 8 6.98 32.03 -11.06
CA MET C 8 6.69 31.46 -9.75
C MET C 8 7.73 31.92 -8.74
N THR C 9 7.29 32.14 -7.51
CA THR C 9 8.20 32.38 -6.40
C THR C 9 8.09 31.26 -5.38
N ILE C 10 9.09 31.18 -4.51
CA ILE C 10 9.04 30.32 -3.34
C ILE C 10 9.12 31.25 -2.13
N GLU C 11 8.15 31.14 -1.24
CA GLU C 11 8.03 32.07 -0.11
C GLU C 11 7.99 31.33 1.22
N GLU C 12 8.53 31.98 2.26
CA GLU C 12 8.39 31.50 3.62
C GLU C 12 7.10 32.07 4.21
N VAL C 13 6.12 31.20 4.42
CA VAL C 13 4.82 31.60 4.97
C VAL C 13 4.36 30.60 6.01
N THR C 14 3.33 30.99 6.76
CA THR C 14 2.70 30.13 7.75
C THR C 14 1.26 29.88 7.34
N ILE C 15 0.86 28.62 7.34
CA ILE C 15 -0.51 28.23 6.98
C ILE C 15 -1.22 27.61 8.18
N LYS C 16 -2.54 27.69 8.19
CA LYS C 16 -3.32 27.01 9.21
C LYS C 16 -3.75 25.67 8.64
N VAL C 17 -3.23 24.59 9.21
CA VAL C 17 -3.57 23.24 8.75
C VAL C 17 -4.76 22.68 9.52
N ALA C 18 -4.76 22.86 10.83
CA ALA C 18 -5.85 22.38 11.67
C ALA C 18 -6.12 23.37 12.78
N PRO C 19 -7.27 23.20 13.47
CA PRO C 19 -7.41 23.90 14.74
C PRO C 19 -6.30 23.39 15.64
N GLY C 20 -5.48 24.30 16.12
CA GLY C 20 -4.34 23.95 16.97
C GLY C 20 -3.05 23.65 16.24
N LEU C 21 -3.03 23.81 14.91
CA LEU C 21 -1.81 23.59 14.15
C LEU C 21 -1.62 24.60 13.02
N ASP C 22 -0.83 25.64 13.30
CA ASP C 22 -0.25 26.46 12.25
C ASP C 22 1.10 25.84 11.90
N TYR C 23 1.52 26.00 10.66
CA TYR C 23 2.70 25.31 10.16
C TYR C 23 3.54 26.23 9.27
N LYS C 24 4.84 26.30 9.55
CA LYS C 24 5.77 27.02 8.69
C LYS C 24 6.06 26.18 7.45
N VAL C 25 5.86 26.76 6.27
CA VAL C 25 6.03 26.05 5.01
C VAL C 25 6.81 26.91 4.01
N PHE C 26 7.26 26.26 2.92
CA PHE C 26 7.84 26.97 1.79
C PHE C 26 6.81 26.89 0.66
N GLY C 27 5.95 27.89 0.58
CA GLY C 27 4.85 27.87 -0.39
C GLY C 27 5.25 28.40 -1.75
N PHE C 28 4.99 27.63 -2.79
CA PHE C 28 5.09 28.15 -4.13
C PHE C 28 4.04 29.25 -4.28
N ASN C 29 4.48 30.43 -4.72
CA ASN C 29 3.63 31.64 -4.73
C ASN C 29 2.94 31.90 -3.38
N GLY C 30 3.60 31.51 -2.30
CA GLY C 30 3.11 31.74 -0.95
C GLY C 30 1.84 31.00 -0.58
N GLN C 31 1.56 29.88 -1.27
CA GLN C 31 0.38 29.06 -0.97
C GLN C 31 0.68 27.58 -0.96
N VAL C 32 -0.12 26.84 -0.20
CA VAL C 32 -0.09 25.36 -0.20
C VAL C 32 -1.54 24.87 -0.23
N PRO C 33 -1.93 24.05 -1.23
CA PRO C 33 -1.14 23.60 -2.39
C PRO C 33 -0.61 24.75 -3.23
N GLY C 34 0.45 24.50 -3.97
CA GLY C 34 0.98 25.48 -4.90
C GLY C 34 -0.03 25.77 -6.00
N PRO C 35 0.24 26.78 -6.84
CA PRO C 35 -0.67 27.14 -7.92
C PRO C 35 -0.97 25.97 -8.86
N LEU C 36 -2.21 25.92 -9.36
CA LEU C 36 -2.55 24.99 -10.43
C LEU C 36 -1.88 25.43 -11.73
N ILE C 37 -1.13 24.52 -12.34
CA ILE C 37 -0.63 24.75 -13.69
C ILE C 37 -1.43 23.85 -14.62
N HIS C 38 -2.10 24.46 -15.60
CA HIS C 38 -2.99 23.73 -16.50
C HIS C 38 -2.58 24.08 -17.92
N VAL C 39 -2.12 23.08 -18.66
CA VAL C 39 -1.66 23.29 -20.04
C VAL C 39 -2.21 22.19 -20.94
N GLN C 40 -1.95 22.31 -22.24
CA GLN C 40 -2.41 21.33 -23.23
C GLN C 40 -1.24 20.48 -23.71
N GLU C 41 -1.54 19.22 -24.01
CA GLU C 41 -0.57 18.30 -24.61
C GLU C 41 0.14 18.98 -25.77
N GLY C 42 1.48 18.96 -25.75
CA GLY C 42 2.28 19.57 -26.81
C GLY C 42 2.75 20.98 -26.54
N ASP C 43 2.22 21.62 -25.50
CA ASP C 43 2.65 22.99 -25.17
C ASP C 43 4.10 23.05 -24.72
N ASP C 44 4.74 24.17 -25.02
CA ASP C 44 6.09 24.45 -24.57
C ASP C 44 5.99 25.33 -23.34
N VAL C 45 6.32 24.76 -22.19
CA VAL C 45 6.15 25.41 -20.91
C VAL C 45 7.47 26.04 -20.47
N ILE C 46 7.41 27.27 -19.97
CA ILE C 46 8.55 27.97 -19.39
C ILE C 46 8.15 28.47 -18.01
N VAL C 47 8.90 28.07 -16.99
CA VAL C 47 8.63 28.54 -15.63
C VAL C 47 9.86 29.19 -15.04
N ASN C 48 9.76 30.50 -14.80
CA ASN C 48 10.81 31.27 -14.17
C ASN C 48 10.58 31.24 -12.67
N VAL C 49 11.51 30.65 -11.93
CA VAL C 49 11.36 30.48 -10.48
C VAL C 49 12.32 31.41 -9.74
N THR C 50 11.79 32.16 -8.78
CA THR C 50 12.61 32.99 -7.89
C THR C 50 12.49 32.49 -6.45
N ASN C 51 13.63 32.20 -5.83
CA ASN C 51 13.67 31.66 -4.47
C ASN C 51 13.77 32.79 -3.45
N ASN C 52 12.63 33.12 -2.83
CA ASN C 52 12.57 34.17 -1.81
C ASN C 52 12.59 33.57 -0.39
N THR C 53 13.26 32.43 -0.22
CA THR C 53 13.41 31.81 1.09
C THR C 53 14.87 31.80 1.51
N SER C 54 15.11 31.32 2.73
CA SER C 54 16.45 31.24 3.30
C SER C 54 17.21 29.97 2.94
N LEU C 55 16.57 29.05 2.20
CA LEU C 55 17.16 27.76 1.90
C LEU C 55 17.12 27.44 0.40
N PRO C 56 18.01 26.55 -0.07
CA PRO C 56 17.97 26.15 -1.47
C PRO C 56 16.78 25.24 -1.80
N HIS C 57 16.29 25.33 -3.03
CA HIS C 57 15.20 24.49 -3.53
C HIS C 57 15.41 24.19 -5.02
N THR C 58 14.57 23.29 -5.53
CA THR C 58 14.42 23.09 -6.97
C THR C 58 12.93 22.87 -7.23
N ILE C 59 12.55 22.73 -8.49
CA ILE C 59 11.24 22.19 -8.84
C ILE C 59 11.43 21.02 -9.79
N HIS C 60 10.94 19.87 -9.37
CA HIS C 60 10.85 18.69 -10.23
C HIS C 60 9.42 18.56 -10.72
N TRP C 61 9.28 18.20 -11.99
CA TRP C 61 7.98 18.11 -12.65
C TRP C 61 7.68 16.62 -12.81
N HIS C 62 6.96 16.10 -11.82
CA HIS C 62 6.74 14.67 -11.67
C HIS C 62 5.75 14.18 -12.71
N GLY C 63 6.26 13.33 -13.61
CA GLY C 63 5.46 12.79 -14.71
C GLY C 63 5.87 13.36 -16.05
N VAL C 64 6.53 14.51 -16.04
CA VAL C 64 7.02 15.14 -17.26
C VAL C 64 8.27 14.40 -17.70
N HIS C 65 8.29 13.93 -18.94
CA HIS C 65 9.41 13.09 -19.43
C HIS C 65 10.72 13.87 -19.58
N GLN C 66 10.60 15.16 -19.86
CA GLN C 66 11.76 16.03 -20.13
C GLN C 66 12.51 15.50 -21.35
N LYS C 67 11.75 15.19 -22.39
CA LYS C 67 12.29 14.72 -23.66
C LYS C 67 13.16 15.80 -24.28
N GLY C 68 14.47 15.55 -24.32
CA GLY C 68 15.44 16.51 -24.81
C GLY C 68 15.67 17.71 -23.89
N THR C 69 15.22 17.61 -22.64
CA THR C 69 15.32 18.72 -21.70
C THR C 69 15.61 18.23 -20.28
N TRP C 70 16.40 17.15 -20.15
CA TRP C 70 16.70 16.58 -18.82
C TRP C 70 17.30 17.59 -17.81
N ARG C 71 17.95 18.64 -18.31
CA ARG C 71 18.48 19.67 -17.41
C ARG C 71 17.40 20.52 -16.73
N SER C 72 16.13 20.30 -17.09
CA SER C 72 14.98 20.92 -16.42
C SER C 72 14.23 19.95 -15.49
N ASP C 73 14.80 18.77 -15.25
CA ASP C 73 14.16 17.76 -14.41
C ASP C 73 14.09 18.15 -12.92
N GLY C 74 14.97 19.06 -12.50
CA GLY C 74 14.93 19.63 -11.15
C GLY C 74 15.52 18.81 -10.03
N VAL C 75 16.51 17.97 -10.32
CA VAL C 75 17.12 17.12 -9.30
C VAL C 75 18.53 17.63 -8.96
N PRO C 76 18.73 18.09 -7.70
CA PRO C 76 20.00 18.69 -7.34
C PRO C 76 21.12 17.66 -7.36
N GLY C 77 22.28 18.04 -7.90
CA GLY C 77 23.41 17.14 -7.99
C GLY C 77 23.30 16.11 -9.10
N VAL C 78 22.17 16.11 -9.81
CA VAL C 78 21.95 15.19 -10.94
C VAL C 78 21.67 15.95 -12.24
N THR C 79 20.67 16.83 -12.24
CA THR C 79 20.34 17.61 -13.43
C THR C 79 20.61 19.12 -13.29
N GLN C 80 20.83 19.59 -12.07
CA GLN C 80 21.22 20.96 -11.83
C GLN C 80 21.87 21.12 -10.44
N GLN C 81 22.52 22.25 -10.23
CA GLN C 81 22.82 22.69 -8.87
C GLN C 81 21.56 23.38 -8.33
N PRO C 82 21.33 23.30 -7.01
CA PRO C 82 20.15 23.91 -6.38
C PRO C 82 19.98 25.41 -6.65
N ILE C 83 18.73 25.88 -6.55
CA ILE C 83 18.42 27.30 -6.64
C ILE C 83 18.66 27.88 -5.26
N GLU C 84 19.74 28.63 -5.11
CA GLU C 84 20.12 29.12 -3.79
C GLU C 84 19.21 30.26 -3.36
N ALA C 85 19.20 30.51 -2.06
CA ALA C 85 18.37 31.57 -1.47
C ALA C 85 18.59 32.90 -2.19
N GLY C 86 17.51 33.49 -2.68
CA GLY C 86 17.54 34.77 -3.40
C GLY C 86 17.73 34.69 -4.90
N ASP C 87 18.15 33.54 -5.40
CA ASP C 87 18.48 33.37 -6.82
C ASP C 87 17.24 32.93 -7.62
N SER C 88 17.38 32.92 -8.94
CA SER C 88 16.33 32.47 -9.84
C SER C 88 16.85 31.41 -10.81
N TYR C 89 15.91 30.74 -11.47
CA TYR C 89 16.23 29.65 -12.39
C TYR C 89 15.04 29.41 -13.30
N THR C 90 15.30 29.12 -14.57
CA THR C 90 14.23 28.91 -15.55
C THR C 90 14.17 27.46 -16.00
N TYR C 91 12.97 26.88 -15.92
CA TYR C 91 12.69 25.54 -16.41
C TYR C 91 11.99 25.67 -17.75
N LYS C 92 12.36 24.81 -18.70
CA LYS C 92 11.68 24.73 -19.98
C LYS C 92 11.48 23.28 -20.36
N PHE C 93 10.25 22.91 -20.69
CA PHE C 93 9.95 21.55 -21.12
C PHE C 93 8.72 21.49 -22.00
N LYS C 94 8.59 20.39 -22.75
CA LYS C 94 7.44 20.18 -23.62
C LYS C 94 6.48 19.27 -22.88
N ALA C 95 5.22 19.66 -22.81
CA ALA C 95 4.22 18.89 -22.11
C ALA C 95 3.71 17.78 -23.02
N ASP C 96 4.58 16.84 -23.37
CA ASP C 96 4.19 15.74 -24.26
C ASP C 96 3.57 14.55 -23.53
N ARG C 97 3.65 14.55 -22.20
CA ARG C 97 3.04 13.51 -21.37
C ARG C 97 1.72 14.06 -20.82
N ILE C 98 0.63 13.36 -21.10
CA ILE C 98 -0.70 13.84 -20.73
C ILE C 98 -1.11 13.43 -19.31
N GLY C 99 -2.09 14.16 -18.76
CA GLY C 99 -2.82 13.72 -17.58
C GLY C 99 -2.49 14.45 -16.30
N THR C 100 -2.87 13.81 -15.20
CA THR C 100 -2.62 14.34 -13.87
C THR C 100 -1.16 14.18 -13.48
N LEU C 101 -0.41 15.27 -13.56
CA LEU C 101 0.97 15.31 -13.11
C LEU C 101 1.05 16.23 -11.89
N TRP C 102 2.24 16.40 -11.33
CA TRP C 102 2.42 17.35 -10.25
C TRP C 102 3.86 17.84 -10.22
N TYR C 103 4.13 18.80 -9.36
CA TYR C 103 5.47 19.35 -9.26
C TYR C 103 5.79 19.52 -7.79
N HIS C 104 7.06 19.36 -7.44
CA HIS C 104 7.48 19.52 -6.07
C HIS C 104 8.96 19.79 -5.97
N CYS C 105 9.38 20.30 -4.82
CA CYS C 105 10.80 20.49 -4.57
C CYS C 105 11.51 19.13 -4.58
N HIS C 106 12.79 19.13 -4.98
CA HIS C 106 13.57 17.90 -4.94
C HIS C 106 14.86 18.07 -4.14
N VAL C 107 14.92 19.14 -3.34
CA VAL C 107 15.98 19.35 -2.35
C VAL C 107 15.43 18.93 -0.97
N ASN C 108 16.22 18.18 -0.22
CA ASN C 108 15.83 17.74 1.12
C ASN C 108 14.38 17.23 1.15
N VAL C 109 14.05 16.36 0.19
CA VAL C 109 12.66 16.00 -0.07
C VAL C 109 11.87 15.49 1.13
N ASN C 110 12.52 14.73 2.00
CA ASN C 110 11.86 14.20 3.19
C ASN C 110 11.19 15.29 4.02
N GLU C 111 11.88 16.44 4.16
CA GLU C 111 11.30 17.57 4.87
C GLU C 111 10.48 18.48 3.97
N HIS C 112 11.06 18.89 2.85
CA HIS C 112 10.44 19.93 2.02
C HIS C 112 9.11 19.50 1.39
N VAL C 113 9.06 18.26 0.87
CA VAL C 113 7.81 17.70 0.34
C VAL C 113 7.00 17.04 1.45
N GLY C 114 7.67 16.35 2.37
CA GLY C 114 7.00 15.70 3.49
C GLY C 114 6.20 16.62 4.40
N VAL C 115 6.79 17.76 4.78
CA VAL C 115 6.12 18.65 5.74
C VAL C 115 6.14 20.16 5.43
N ARG C 116 6.83 20.60 4.39
CA ARG C 116 6.85 22.05 4.10
C ARG C 116 6.01 22.48 2.90
N GLY C 117 5.15 21.58 2.42
CA GLY C 117 4.13 21.97 1.45
C GLY C 117 4.62 22.34 0.07
N MET C 118 5.81 21.86 -0.30
CA MET C 118 6.44 22.24 -1.58
C MET C 118 5.94 21.37 -2.72
N TRP C 119 4.67 21.55 -3.05
CA TRP C 119 4.03 20.77 -4.11
C TRP C 119 2.78 21.44 -4.64
N GLY C 120 2.45 21.09 -5.88
CA GLY C 120 1.24 21.57 -6.52
C GLY C 120 0.89 20.72 -7.72
N PRO C 121 -0.31 20.92 -8.27
CA PRO C 121 -0.78 20.11 -9.38
C PRO C 121 -0.43 20.66 -10.76
N LEU C 122 -0.12 19.77 -11.68
CA LEU C 122 0.18 20.10 -13.08
C LEU C 122 -0.71 19.22 -13.95
N ILE C 123 -1.73 19.83 -14.57
CA ILE C 123 -2.70 19.10 -15.36
C ILE C 123 -2.41 19.35 -16.83
N VAL C 124 -2.20 18.27 -17.59
CA VAL C 124 -1.96 18.35 -19.03
C VAL C 124 -3.16 17.73 -19.76
N ASP C 125 -3.91 18.57 -20.46
CA ASP C 125 -5.08 18.11 -21.21
C ASP C 125 -4.63 17.35 -22.47
N PRO C 126 -5.13 16.12 -22.64
CA PRO C 126 -4.82 15.44 -23.91
C PRO C 126 -5.50 16.14 -25.06
N LYS C 127 -4.87 16.14 -26.24
CA LYS C 127 -5.53 16.63 -27.43
C LYS C 127 -6.75 15.75 -27.75
N GLN C 128 -6.68 14.48 -27.38
CA GLN C 128 -7.77 13.50 -27.55
C GLN C 128 -8.16 12.88 -26.19
N PRO C 129 -9.25 13.39 -25.57
CA PRO C 129 -9.66 12.91 -24.24
C PRO C 129 -10.43 11.60 -24.31
N LEU C 130 -10.45 10.87 -23.21
CA LEU C 130 -11.29 9.67 -23.13
C LEU C 130 -12.75 10.07 -23.36
N PRO C 131 -13.54 9.17 -23.97
CA PRO C 131 -14.99 9.34 -24.00
C PRO C 131 -15.59 9.64 -22.64
N ILE C 132 -15.19 8.89 -21.61
CA ILE C 132 -15.65 9.13 -20.23
C ILE C 132 -15.38 10.57 -19.75
N GLU C 133 -14.23 11.12 -20.11
CA GLU C 133 -13.90 12.49 -19.71
C GLU C 133 -14.82 13.52 -20.38
N LYS C 134 -15.37 13.17 -21.55
CA LYS C 134 -16.28 14.08 -22.27
C LYS C 134 -17.53 14.45 -21.46
N ARG C 135 -17.99 13.52 -20.63
CA ARG C 135 -19.21 13.71 -19.83
C ARG C 135 -18.97 14.48 -18.53
N VAL C 136 -17.70 14.70 -18.19
CA VAL C 136 -17.36 15.31 -16.91
C VAL C 136 -17.89 16.73 -16.80
N THR C 137 -18.56 17.03 -15.69
CA THR C 137 -19.12 18.37 -15.42
C THR C 137 -18.41 19.10 -14.26
N LYS C 138 -17.58 18.37 -13.51
CA LYS C 138 -16.85 18.97 -12.39
C LYS C 138 -15.53 18.23 -12.22
N ASP C 139 -14.44 18.99 -12.11
CA ASP C 139 -13.10 18.44 -11.98
C ASP C 139 -12.60 18.80 -10.58
N VAL C 140 -11.99 17.84 -9.88
CA VAL C 140 -11.68 17.96 -8.46
C VAL C 140 -10.27 17.45 -8.18
N ILE C 141 -9.48 18.27 -7.50
CA ILE C 141 -8.12 17.92 -7.11
C ILE C 141 -8.04 17.71 -5.60
N MET C 142 -7.52 16.54 -5.21
CA MET C 142 -7.35 16.18 -3.80
C MET C 142 -5.91 15.72 -3.55
N MET C 143 -5.10 16.60 -2.96
CA MET C 143 -3.71 16.30 -2.66
C MET C 143 -3.54 15.99 -1.18
N MET C 144 -3.22 14.73 -0.87
CA MET C 144 -3.12 14.28 0.51
C MET C 144 -1.69 14.38 1.02
N SER C 145 -1.55 14.76 2.28
CA SER C 145 -0.25 14.82 2.92
C SER C 145 -0.39 14.69 4.44
N THR C 146 0.74 14.66 5.11
CA THR C 146 0.79 14.51 6.57
C THR C 146 1.70 15.57 7.18
N TRP C 147 1.54 15.79 8.48
CA TRP C 147 2.27 16.84 9.19
C TRP C 147 2.76 16.36 10.53
N GLU C 148 3.92 16.87 10.94
CA GLU C 148 4.56 16.52 12.21
C GLU C 148 4.58 17.77 13.11
N SER C 149 3.72 17.80 14.12
CA SER C 149 3.55 19.01 14.95
C SER C 149 4.83 19.46 15.64
N ALA C 150 5.67 18.50 16.02
CA ALA C 150 6.91 18.80 16.75
C ALA C 150 7.85 19.75 15.99
N VAL C 151 7.75 19.77 14.66
CA VAL C 151 8.61 20.62 13.82
C VAL C 151 7.83 21.69 13.05
N ALA C 152 6.65 22.05 13.52
CA ALA C 152 5.80 23.06 12.86
C ALA C 152 6.46 24.43 12.74
N ASP C 153 7.34 24.75 13.69
CA ASP C 153 7.92 26.09 13.85
C ASP C 153 9.36 26.21 13.36
N LYS C 154 9.95 25.12 12.88
CA LYS C 154 11.40 25.04 12.68
C LYS C 154 11.81 24.43 11.35
N TYR C 155 12.09 25.28 10.36
CA TYR C 155 12.69 24.81 9.11
C TYR C 155 13.99 24.08 9.41
N GLY C 156 14.27 23.01 8.66
CA GLY C 156 15.50 22.25 8.80
C GLY C 156 15.39 20.95 9.59
N GLU C 157 14.20 20.68 10.12
CA GLU C 157 13.93 19.42 10.79
C GLU C 157 12.65 18.79 10.26
N GLY C 158 12.50 17.49 10.51
CA GLY C 158 11.29 16.76 10.17
C GLY C 158 11.47 15.83 9.00
N GLY C 159 10.45 15.00 8.77
CA GLY C 159 10.42 14.07 7.66
C GLY C 159 11.34 12.87 7.83
N THR C 160 11.59 12.46 9.07
CA THR C 160 12.42 11.28 9.32
C THR C 160 11.58 10.19 10.01
N PRO C 161 12.05 8.94 9.96
CA PRO C 161 11.36 7.86 10.70
C PRO C 161 11.22 8.10 12.21
N MET C 162 12.05 8.97 12.77
CA MET C 162 12.02 9.26 14.21
C MET C 162 11.00 10.33 14.58
N ASN C 163 10.44 11.03 13.58
CA ASN C 163 9.37 12.00 13.81
C ASN C 163 8.01 11.30 13.86
N VAL C 164 7.03 11.95 14.48
CA VAL C 164 5.67 11.42 14.52
C VAL C 164 4.76 12.29 13.67
N ALA C 165 4.16 11.69 12.63
CA ALA C 165 3.16 12.39 11.83
C ALA C 165 1.82 12.28 12.56
N ASP C 166 1.34 13.41 13.08
CA ASP C 166 0.15 13.40 13.94
C ASP C 166 -1.03 14.22 13.41
N TYR C 167 -0.86 14.86 12.26
CA TYR C 167 -1.96 15.50 11.55
C TYR C 167 -1.93 15.09 10.09
N PHE C 168 -3.10 15.16 9.46
CA PHE C 168 -3.31 14.61 8.14
C PHE C 168 -4.28 15.54 7.41
N SER C 169 -4.13 15.66 6.09
CA SER C 169 -4.88 16.67 5.36
C SER C 169 -5.20 16.29 3.93
N VAL C 170 -6.24 16.96 3.40
CA VAL C 170 -6.43 17.08 1.96
C VAL C 170 -6.27 18.57 1.62
N ASN C 171 -5.44 18.85 0.62
CA ASN C 171 -5.16 20.23 0.20
C ASN C 171 -4.79 21.11 1.39
N ALA C 172 -3.93 20.54 2.24
CA ALA C 172 -3.32 21.23 3.37
C ALA C 172 -4.29 21.69 4.46
N LYS C 173 -5.49 21.11 4.51
CA LYS C 173 -6.42 21.34 5.62
C LYS C 173 -6.87 20.03 6.25
N SER C 174 -7.01 20.06 7.57
CA SER C 174 -7.52 18.93 8.36
C SER C 174 -8.95 19.24 8.79
N PHE C 175 -9.84 18.28 8.65
CA PHE C 175 -11.22 18.45 9.07
C PHE C 175 -11.26 18.94 10.51
N PRO C 176 -12.14 19.90 10.84
CA PRO C 176 -13.23 20.52 10.08
C PRO C 176 -12.88 21.69 9.16
N LEU C 177 -11.59 21.98 8.98
CA LEU C 177 -11.16 23.12 8.15
C LEU C 177 -11.08 22.81 6.66
N THR C 178 -11.34 21.56 6.28
CA THR C 178 -11.59 21.21 4.90
C THR C 178 -12.92 21.83 4.43
N GLN C 179 -13.26 21.62 3.16
CA GLN C 179 -14.49 22.13 2.58
C GLN C 179 -15.29 21.01 1.94
N PRO C 180 -16.61 21.15 1.91
CA PRO C 180 -17.46 20.16 1.25
C PRO C 180 -17.27 20.17 -0.27
N LEU C 181 -17.52 19.03 -0.89
CA LEU C 181 -17.58 18.91 -2.33
C LEU C 181 -19.04 19.01 -2.73
N ARG C 182 -19.45 20.20 -3.17
CA ARG C 182 -20.85 20.44 -3.47
C ARG C 182 -21.15 20.08 -4.92
N VAL C 183 -22.17 19.23 -5.10
CA VAL C 183 -22.56 18.74 -6.40
C VAL C 183 -24.07 18.89 -6.56
N LYS C 184 -24.53 18.72 -7.80
CA LYS C 184 -25.95 18.62 -8.08
C LYS C 184 -26.25 17.27 -8.75
N LYS C 185 -27.45 16.77 -8.54
CA LYS C 185 -27.85 15.51 -9.15
C LYS C 185 -27.62 15.58 -10.66
N GLY C 186 -26.97 14.56 -11.19
CA GLY C 186 -26.64 14.50 -12.62
C GLY C 186 -25.21 14.89 -12.93
N ASP C 187 -24.52 15.51 -11.96
CA ASP C 187 -23.09 15.81 -12.16
C ASP C 187 -22.30 14.54 -12.44
N VAL C 188 -21.25 14.70 -13.23
CA VAL C 188 -20.28 13.65 -13.48
C VAL C 188 -18.96 14.23 -13.01
N VAL C 189 -18.46 13.69 -11.91
CA VAL C 189 -17.37 14.31 -11.18
C VAL C 189 -16.08 13.53 -11.41
N LYS C 190 -15.06 14.22 -11.92
CA LYS C 190 -13.72 13.66 -12.02
C LYS C 190 -12.94 14.06 -10.79
N ILE C 191 -12.41 13.08 -10.06
CA ILE C 191 -11.58 13.36 -8.90
C ILE C 191 -10.18 12.85 -9.14
N ARG C 192 -9.19 13.72 -8.93
CA ARG C 192 -7.79 13.39 -9.11
C ARG C 192 -7.14 13.35 -7.74
N PHE C 193 -6.75 12.15 -7.30
CA PHE C 193 -6.09 11.92 -6.02
C PHE C 193 -4.56 12.00 -6.21
N PHE C 194 -3.88 12.66 -5.28
CA PHE C 194 -2.41 12.76 -5.31
C PHE C 194 -1.83 12.31 -3.96
N GLY C 195 -0.81 11.45 -4.00
CA GLY C 195 -0.03 11.14 -2.80
C GLY C 195 1.10 12.15 -2.70
N ALA C 196 0.79 13.33 -2.19
CA ALA C 196 1.74 14.45 -2.21
C ALA C 196 2.76 14.36 -1.07
N GLY C 197 2.32 13.88 0.09
CA GLY C 197 3.20 13.72 1.24
C GLY C 197 3.77 12.33 1.35
N GLY C 198 4.21 11.96 2.55
CA GLY C 198 4.86 10.68 2.81
C GLY C 198 3.96 9.54 3.28
N GLY C 199 2.66 9.79 3.34
CA GLY C 199 1.70 8.80 3.86
C GLY C 199 0.97 7.96 2.80
N ILE C 200 0.28 6.94 3.28
CA ILE C 200 -0.60 6.16 2.42
C ILE C 200 -2.02 6.50 2.84
N HIS C 201 -2.91 6.68 1.86
CA HIS C 201 -4.26 7.16 2.13
C HIS C 201 -5.25 6.29 1.38
N ALA C 202 -6.26 5.79 2.10
CA ALA C 202 -7.26 4.89 1.54
C ALA C 202 -8.56 5.67 1.39
N MET C 203 -8.74 6.27 0.21
CA MET C 203 -9.82 7.23 0.01
C MET C 203 -11.12 6.50 -0.32
N HIS C 204 -12.11 6.71 0.54
CA HIS C 204 -13.38 5.99 0.49
C HIS C 204 -14.55 6.97 0.33
N SER C 205 -15.34 6.77 -0.72
CA SER C 205 -16.53 7.59 -0.97
C SER C 205 -17.78 6.86 -0.49
N HIS C 206 -18.49 7.43 0.48
CA HIS C 206 -19.81 6.90 0.85
C HIS C 206 -20.80 7.19 -0.28
N GLY C 207 -21.81 6.32 -0.39
CA GLY C 207 -22.93 6.56 -1.26
C GLY C 207 -22.71 6.33 -2.75
N HIS C 208 -21.46 6.07 -3.13
CA HIS C 208 -21.08 5.99 -4.55
C HIS C 208 -19.89 5.06 -4.71
N ASP C 209 -19.84 4.39 -5.85
CA ASP C 209 -18.61 3.76 -6.29
C ASP C 209 -17.84 4.74 -7.17
N MET C 210 -16.52 4.53 -7.21
CA MET C 210 -15.62 5.30 -8.06
C MET C 210 -15.18 4.42 -9.20
N LEU C 211 -15.24 4.92 -10.43
CA LEU C 211 -14.64 4.24 -11.58
C LEU C 211 -13.22 4.75 -11.73
N VAL C 212 -12.24 3.87 -11.49
CA VAL C 212 -10.83 4.24 -11.60
C VAL C 212 -10.44 4.17 -13.07
N THR C 213 -10.14 5.34 -13.64
CA THR C 213 -9.93 5.49 -15.07
C THR C 213 -8.48 5.74 -15.46
N HIS C 214 -7.69 6.34 -14.56
CA HIS C 214 -6.29 6.68 -14.84
C HIS C 214 -5.38 6.35 -13.68
N LYS C 215 -4.17 5.89 -14.00
CA LYS C 215 -3.12 5.65 -13.02
C LYS C 215 -1.96 6.54 -13.43
N ASP C 216 -1.51 7.38 -12.51
CA ASP C 216 -0.43 8.35 -12.77
C ASP C 216 -0.69 9.18 -14.03
N GLY C 217 -1.95 9.53 -14.25
CA GLY C 217 -2.35 10.38 -15.36
C GLY C 217 -2.64 9.68 -16.67
N LEU C 218 -2.28 8.40 -16.78
CA LEU C 218 -2.48 7.68 -18.05
C LEU C 218 -3.69 6.76 -17.96
N PRO C 219 -4.50 6.71 -19.04
CA PRO C 219 -5.76 5.99 -19.02
C PRO C 219 -5.57 4.48 -19.01
N LEU C 220 -6.29 3.82 -18.12
CA LEU C 220 -6.25 2.37 -18.03
C LEU C 220 -7.04 1.73 -19.18
N ASP C 221 -6.46 0.72 -19.81
CA ASP C 221 -7.18 -0.10 -20.78
C ASP C 221 -8.36 -0.82 -20.12
N SER C 222 -8.20 -1.20 -18.85
CA SER C 222 -9.22 -1.90 -18.09
C SER C 222 -9.55 -1.13 -16.81
N PRO C 223 -10.41 -0.09 -16.93
CA PRO C 223 -10.83 0.61 -15.73
C PRO C 223 -11.62 -0.33 -14.80
N TYR C 224 -11.68 0.01 -13.53
CA TYR C 224 -12.34 -0.83 -12.54
C TYR C 224 -13.01 0.01 -11.47
N TYR C 225 -14.11 -0.52 -10.93
CA TYR C 225 -14.81 0.13 -9.83
C TYR C 225 -14.16 -0.14 -8.49
N ALA C 226 -14.23 0.86 -7.62
CA ALA C 226 -13.70 0.77 -6.27
C ALA C 226 -14.55 1.67 -5.39
N ASP C 227 -14.73 1.28 -4.13
CA ASP C 227 -15.26 2.24 -3.15
C ASP C 227 -14.15 2.79 -2.26
N THR C 228 -12.97 2.17 -2.30
CA THR C 228 -11.80 2.62 -1.54
C THR C 228 -10.56 2.54 -2.45
N VAL C 229 -9.87 3.66 -2.61
CA VAL C 229 -8.70 3.74 -3.49
C VAL C 229 -7.47 4.06 -2.66
N LEU C 230 -6.50 3.15 -2.67
CA LEU C 230 -5.25 3.33 -1.94
C LEU C 230 -4.30 4.23 -2.75
N VAL C 231 -3.93 5.35 -2.16
CA VAL C 231 -3.03 6.33 -2.78
C VAL C 231 -1.75 6.42 -1.95
N SER C 232 -0.61 6.12 -2.55
CA SER C 232 0.68 6.13 -1.85
C SER C 232 1.56 7.24 -2.42
N PRO C 233 2.68 7.56 -1.75
CA PRO C 233 3.51 8.69 -2.16
C PRO C 233 3.93 8.67 -3.62
N GLY C 234 3.68 9.78 -4.31
CA GLY C 234 4.04 9.92 -5.71
C GLY C 234 2.94 9.55 -6.68
N GLU C 235 2.01 8.70 -6.26
CA GLU C 235 1.00 8.19 -7.16
C GLU C 235 -0.09 9.22 -7.42
N ARG C 236 -0.75 9.09 -8.56
CA ARG C 236 -2.04 9.72 -8.78
C ARG C 236 -3.03 8.67 -9.31
N TYR C 237 -4.28 8.84 -8.91
CA TYR C 237 -5.40 8.08 -9.47
C TYR C 237 -6.48 9.07 -9.86
N ASP C 238 -7.02 8.92 -11.08
CA ASP C 238 -8.22 9.68 -11.49
C ASP C 238 -9.39 8.72 -11.40
N VAL C 239 -10.51 9.22 -10.89
CA VAL C 239 -11.74 8.43 -10.84
C VAL C 239 -12.90 9.27 -11.35
N ILE C 240 -13.98 8.58 -11.68
CA ILE C 240 -15.25 9.25 -12.00
C ILE C 240 -16.32 8.80 -11.00
N ILE C 241 -17.07 9.77 -10.49
CA ILE C 241 -18.25 9.48 -9.67
C ILE C 241 -19.46 10.06 -10.38
N GLU C 242 -20.47 9.23 -10.57
CA GLU C 242 -21.75 9.65 -11.12
C GLU C 242 -22.56 10.16 -9.95
N ALA C 243 -22.89 11.45 -9.94
CA ALA C 243 -23.62 12.05 -8.83
C ALA C 243 -25.12 11.83 -9.01
N ASP C 244 -25.54 10.59 -8.82
CA ASP C 244 -26.91 10.17 -9.08
C ASP C 244 -27.66 9.73 -7.82
N ASN C 245 -27.14 10.12 -6.65
CA ASN C 245 -27.65 9.63 -5.37
C ASN C 245 -27.71 10.74 -4.32
N PRO C 246 -28.71 11.63 -4.42
CA PRO C 246 -28.74 12.78 -3.51
C PRO C 246 -28.76 12.46 -2.01
N GLY C 247 -27.91 13.17 -1.29
CA GLY C 247 -27.77 13.03 0.16
C GLY C 247 -26.57 13.83 0.64
N ARG C 248 -26.13 13.56 1.87
CA ARG C 248 -24.86 14.05 2.37
C ARG C 248 -24.00 12.82 2.65
N PHE C 249 -22.92 12.68 1.87
CA PHE C 249 -22.13 11.47 1.88
C PHE C 249 -20.67 11.79 2.17
N ILE C 250 -20.21 11.36 3.33
CA ILE C 250 -18.83 11.63 3.76
C ILE C 250 -17.85 10.92 2.81
N PHE C 251 -16.66 11.49 2.69
CA PHE C 251 -15.67 11.07 1.70
C PHE C 251 -14.33 11.31 2.39
N HIS C 252 -13.59 10.24 2.69
CA HIS C 252 -12.46 10.37 3.62
C HIS C 252 -11.43 9.26 3.52
N ASP C 253 -10.26 9.55 4.08
CA ASP C 253 -9.20 8.56 4.28
C ASP C 253 -9.70 7.52 5.29
N HIS C 254 -9.66 6.25 4.90
CA HIS C 254 -10.13 5.16 5.75
C HIS C 254 -9.03 4.56 6.64
N VAL C 255 -7.80 5.06 6.53
CA VAL C 255 -6.75 4.65 7.46
C VAL C 255 -7.08 5.21 8.84
N ASP C 256 -7.39 4.30 9.78
CA ASP C 256 -8.01 4.65 11.06
C ASP C 256 -7.30 5.78 11.81
N THR C 257 -5.97 5.70 11.90
CA THR C 257 -5.19 6.72 12.62
C THR C 257 -5.16 8.07 11.91
N HIS C 258 -5.52 8.10 10.64
CA HIS C 258 -5.48 9.33 9.85
C HIS C 258 -6.67 10.24 10.06
N VAL C 259 -7.75 9.73 10.66
CA VAL C 259 -8.92 10.57 10.94
C VAL C 259 -8.84 11.12 12.37
N THR C 260 -7.64 11.54 12.72
CA THR C 260 -7.34 12.16 14.00
C THR C 260 -6.53 13.43 13.73
N ALA C 261 -6.41 14.26 14.76
CA ALA C 261 -5.62 15.47 14.69
C ALA C 261 -5.00 15.68 16.06
N GLY C 262 -3.68 15.55 16.16
CA GLY C 262 -2.98 15.68 17.43
C GLY C 262 -3.52 14.73 18.49
N GLY C 263 -3.88 13.51 18.08
CA GLY C 263 -4.38 12.50 19.00
C GLY C 263 -5.89 12.52 19.25
N LYS C 264 -6.57 13.53 18.69
CA LYS C 264 -8.00 13.74 18.92
C LYS C 264 -8.78 13.39 17.65
N HIS C 265 -10.03 12.97 17.82
CA HIS C 265 -10.95 12.68 16.71
C HIS C 265 -12.16 13.61 16.85
N PRO C 266 -12.72 14.08 15.73
CA PRO C 266 -12.34 13.86 14.34
C PRO C 266 -11.26 14.82 13.85
N GLY C 267 -10.67 14.45 12.74
CA GLY C 267 -9.67 15.27 12.08
C GLY C 267 -9.30 14.57 10.79
N GLY C 268 -8.43 15.17 10.00
CA GLY C 268 -7.84 14.47 8.86
C GLY C 268 -8.45 14.78 7.51
N PRO C 269 -8.12 13.95 6.50
CA PRO C 269 -8.62 14.14 5.15
C PRO C 269 -10.07 13.66 5.06
N ILE C 270 -10.98 14.58 5.38
CA ILE C 270 -12.41 14.31 5.39
C ILE C 270 -13.12 15.45 4.66
N THR C 271 -13.96 15.09 3.70
CA THR C 271 -14.92 16.00 3.09
C THR C 271 -16.30 15.34 3.08
N VAL C 272 -17.28 16.05 2.57
CA VAL C 272 -18.64 15.55 2.43
C VAL C 272 -19.13 15.92 1.04
N ILE C 273 -19.63 14.92 0.31
CA ILE C 273 -20.31 15.17 -0.94
C ILE C 273 -21.69 15.67 -0.57
N GLU C 274 -21.92 16.97 -0.77
CA GLU C 274 -23.18 17.61 -0.41
C GLU C 274 -23.98 17.88 -1.68
N TYR C 275 -25.15 17.27 -1.81
CA TYR C 275 -25.99 17.54 -2.97
C TYR C 275 -26.87 18.76 -2.75
N ASP C 276 -26.96 19.60 -3.78
CA ASP C 276 -27.87 20.74 -3.76
C ASP C 276 -29.28 20.25 -3.47
N GLY C 277 -29.98 20.98 -2.61
CA GLY C 277 -31.40 20.72 -2.36
C GLY C 277 -31.73 19.74 -1.25
N VAL C 278 -30.72 19.08 -0.69
CA VAL C 278 -30.95 18.19 0.44
C VAL C 278 -31.09 19.07 1.69
N PRO C 279 -32.21 18.94 2.43
CA PRO C 279 -32.40 19.76 3.63
C PRO C 279 -31.29 19.60 4.67
N VAL C 280 -30.77 20.71 5.15
CA VAL C 280 -29.72 20.72 6.15
C VAL C 280 -30.31 20.58 7.54
N ASP C 281 -29.89 19.53 8.25
CA ASP C 281 -30.35 19.29 9.60
C ASP C 281 -29.64 20.21 10.59
N ASP C 282 -30.32 20.50 11.71
CA ASP C 282 -29.78 21.37 12.77
C ASP C 282 -28.43 20.90 13.31
N TRP C 283 -28.27 19.58 13.36
CA TRP C 283 -27.07 18.94 13.93
C TRP C 283 -25.99 18.68 12.88
N TYR C 284 -26.22 19.05 11.62
CA TYR C 284 -25.21 18.83 10.59
C TYR C 284 -23.93 19.62 10.94
N VAL C 285 -22.80 18.92 10.98
CA VAL C 285 -21.52 19.51 11.41
C VAL C 285 -21.12 20.74 10.61
N TRP C 286 -21.48 20.75 9.33
CA TRP C 286 -21.10 21.84 8.43
C TRP C 286 -22.28 22.74 8.03
N LYS C 287 -23.30 22.80 8.89
CA LYS C 287 -24.37 23.76 8.71
C LYS C 287 -23.71 25.15 8.81
N ASP C 288 -24.08 26.06 7.92
CA ASP C 288 -23.51 27.43 7.93
C ASP C 288 -21.97 27.49 7.72
N LYS C 289 -21.43 26.50 7.03
CA LYS C 289 -20.02 26.50 6.64
C LYS C 289 -19.71 27.74 5.82
N ASP C 290 -18.57 28.38 6.09
CA ASP C 290 -18.08 29.46 5.24
C ASP C 290 -17.42 28.82 4.02
N TYR C 291 -18.19 28.75 2.93
CA TYR C 291 -17.88 27.86 1.82
C TYR C 291 -16.87 28.47 0.83
N ASP C 292 -15.89 27.65 0.44
CA ASP C 292 -14.91 27.98 -0.59
C ASP C 292 -15.15 27.05 -1.77
N PRO C 293 -15.75 27.56 -2.85
CA PRO C 293 -16.04 26.71 -4.01
C PRO C 293 -14.80 26.24 -4.79
N ASN C 294 -13.64 26.81 -4.48
CA ASN C 294 -12.40 26.45 -5.18
C ASN C 294 -11.40 25.66 -4.33
N PHE C 295 -11.87 25.11 -3.22
CA PHE C 295 -11.01 24.32 -2.32
C PHE C 295 -10.39 23.11 -3.02
N PHE C 296 -11.06 22.57 -4.03
CA PHE C 296 -10.51 21.46 -4.81
C PHE C 296 -10.08 21.91 -6.22
N TYR C 297 -9.82 23.21 -6.37
CA TYR C 297 -9.46 23.83 -7.65
C TYR C 297 -10.53 23.68 -8.76
N SER C 298 -11.77 23.40 -8.39
CA SER C 298 -12.79 23.08 -9.40
C SER C 298 -13.15 24.27 -10.27
N GLU C 299 -13.09 25.48 -9.68
CA GLU C 299 -13.35 26.70 -10.43
C GLU C 299 -12.14 27.07 -11.30
N SER C 300 -10.94 27.01 -10.73
CA SER C 300 -9.72 27.26 -11.50
C SER C 300 -9.62 26.33 -12.71
N LEU C 301 -10.05 25.09 -12.55
CA LEU C 301 -9.98 24.09 -13.63
C LEU C 301 -10.89 24.40 -14.82
N LYS C 302 -11.81 25.36 -14.66
CA LYS C 302 -12.69 25.79 -15.76
C LYS C 302 -12.16 27.02 -16.50
N GLN C 303 -11.04 27.57 -16.05
CA GLN C 303 -10.58 28.88 -16.51
C GLN C 303 -9.52 28.81 -17.62
N GLY C 304 -9.30 27.63 -18.18
CA GLY C 304 -8.44 27.45 -19.34
C GLY C 304 -7.00 27.23 -18.94
N TYR C 305 -6.09 27.46 -19.88
CA TYR C 305 -4.68 27.15 -19.68
C TYR C 305 -3.95 28.33 -19.03
N GLY C 306 -3.10 28.02 -18.06
CA GLY C 306 -2.36 29.03 -17.32
C GLY C 306 -1.91 28.54 -15.96
N MET C 307 -1.48 29.49 -15.14
CA MET C 307 -1.10 29.24 -13.75
C MET C 307 -2.09 30.01 -12.88
N PHE C 308 -2.72 29.29 -11.95
CA PHE C 308 -3.81 29.85 -11.14
C PHE C 308 -3.50 29.76 -9.65
N ASP C 309 -3.38 30.92 -9.01
CA ASP C 309 -3.27 31.00 -7.56
C ASP C 309 -4.67 30.85 -6.96
N HIS C 310 -4.72 30.64 -5.65
CA HIS C 310 -5.99 30.62 -4.92
C HIS C 310 -5.78 31.25 -3.55
N ASP C 311 -6.53 32.32 -3.26
CA ASP C 311 -6.38 33.05 -2.00
C ASP C 311 -6.61 32.16 -0.77
N GLY C 312 -7.51 31.20 -0.90
CA GLY C 312 -7.82 30.25 0.17
C GLY C 312 -6.64 29.38 0.59
N PHE C 313 -5.63 29.25 -0.28
CA PHE C 313 -4.45 28.45 -0.01
C PHE C 313 -3.25 29.28 0.46
N LYS C 314 -3.37 30.61 0.42
CA LYS C 314 -2.27 31.51 0.76
C LYS C 314 -1.93 31.46 2.25
N GLY C 315 -0.64 31.46 2.54
CA GLY C 315 -0.16 31.56 3.91
C GLY C 315 0.10 33.01 4.27
N GLU C 316 0.46 33.23 5.53
CA GLU C 316 0.77 34.57 6.03
C GLU C 316 2.29 34.72 6.14
N PHE C 317 2.79 35.92 5.85
CA PHE C 317 4.18 36.24 6.10
C PHE C 317 4.35 36.70 7.54
#